data_242D
# 
_entry.id   242D 
# 
_audit_conform.dict_name       mmcif_pdbx.dic 
_audit_conform.dict_version    5.387 
_audit_conform.dict_location   http://mmcif.pdb.org/dictionaries/ascii/mmcif_pdbx.dic 
# 
loop_
_database_2.database_id 
_database_2.database_code 
_database_2.pdbx_database_accession 
_database_2.pdbx_DOI 
PDB   242D         pdb_0000242d 10.2210/pdb242d/pdb 
RCSB  ZDFB51       ?            ?                   
WWPDB D_1000177635 ?            ?                   
# 
loop_
_pdbx_audit_revision_history.ordinal 
_pdbx_audit_revision_history.data_content_type 
_pdbx_audit_revision_history.major_revision 
_pdbx_audit_revision_history.minor_revision 
_pdbx_audit_revision_history.revision_date 
1 'Structure model' 1 0 1996-09-19 
2 'Structure model' 1 1 2008-05-22 
3 'Structure model' 1 2 2011-07-13 
4 'Structure model' 1 3 2024-02-14 
# 
_pdbx_audit_revision_details.ordinal             1 
_pdbx_audit_revision_details.revision_ordinal    1 
_pdbx_audit_revision_details.data_content_type   'Structure model' 
_pdbx_audit_revision_details.provider            repository 
_pdbx_audit_revision_details.type                'Initial release' 
_pdbx_audit_revision_details.description         ? 
_pdbx_audit_revision_details.details             ? 
# 
loop_
_pdbx_audit_revision_group.ordinal 
_pdbx_audit_revision_group.revision_ordinal 
_pdbx_audit_revision_group.data_content_type 
_pdbx_audit_revision_group.group 
1 2 'Structure model' 'Version format compliance' 
2 3 'Structure model' 'Version format compliance' 
3 4 'Structure model' 'Data collection'           
4 4 'Structure model' 'Database references'       
5 4 'Structure model' 'Derived calculations'      
# 
loop_
_pdbx_audit_revision_category.ordinal 
_pdbx_audit_revision_category.revision_ordinal 
_pdbx_audit_revision_category.data_content_type 
_pdbx_audit_revision_category.category 
1 4 'Structure model' chem_comp_atom 
2 4 'Structure model' chem_comp_bond 
3 4 'Structure model' database_2     
4 4 'Structure model' struct_conn    
# 
loop_
_pdbx_audit_revision_item.ordinal 
_pdbx_audit_revision_item.revision_ordinal 
_pdbx_audit_revision_item.data_content_type 
_pdbx_audit_revision_item.item 
1 4 'Structure model' '_database_2.pdbx_DOI'                
2 4 'Structure model' '_database_2.pdbx_database_accession' 
3 4 'Structure model' '_struct_conn.pdbx_leaving_atom_flag' 
# 
_pdbx_database_status.status_code                     REL 
_pdbx_database_status.entry_id                        242D 
_pdbx_database_status.recvd_initial_deposition_date   1996-06-20 
_pdbx_database_status.deposit_site                    NDB 
_pdbx_database_status.process_site                    NDB 
_pdbx_database_status.status_code_sf                  REL 
_pdbx_database_status.status_code_mr                  ? 
_pdbx_database_status.SG_entry                        ? 
_pdbx_database_status.pdb_format_compatible           Y 
_pdbx_database_status.status_code_cs                  ? 
_pdbx_database_status.status_code_nmr_data            ? 
_pdbx_database_status.methods_development_category    ? 
# 
loop_
_audit_author.name 
_audit_author.pdbx_ordinal 
'Peterson, M.R.'  1 
'Harrop, S.J.'    2 
'McSweeney, S.M.' 3 
'Leonard, G.A.'   4 
'Thompson, A.W.'  5 
'Hunter, W.N.'    6 
'Helliwell, J.R.' 7 
# 
loop_
_citation.id 
_citation.title 
_citation.journal_abbrev 
_citation.journal_volume 
_citation.page_first 
_citation.page_last 
_citation.year 
_citation.journal_id_ASTM 
_citation.country 
_citation.journal_id_ISSN 
_citation.journal_id_CSD 
_citation.book_publisher 
_citation.pdbx_database_id_PubMed 
_citation.pdbx_database_id_DOI 
primary 'MAD Phasing Strategies Explored with a Brominated Oligonucleotide Crystal at 1.65A Resolution.' 'J.Synchrotron Radiat.' 3 
24  34 1996 JSYRES DK 0909-0495 1210 ? 16702655 10.1107/S0909049595013288 
1       'Molecular Structure of a Left-Handed Double Helical DNA Fragment at Atomic Resolution'          Nature                  
282 680 ?  1979 NATUAS UK 0028-0836 0006 ? ?        ?                         
# 
loop_
_citation_author.citation_id 
_citation_author.name 
_citation_author.ordinal 
_citation_author.identifier_ORCID 
primary 'Peterson, M.R.'    1  ? 
primary 'Harrop, S.J.'      2  ? 
primary 'McSweeney, S.M.'   3  ? 
primary 'Leonard, G.A.'     4  ? 
primary 'Thompson, A.W.'    5  ? 
primary 'Hunter, W.N.'      6  ? 
primary 'Helliwell, J.R.'   7  ? 
1       'Wang, A.H.-J.'     8  ? 
1       'Quigley, G.J.'     9  ? 
1       'Kolpak, F.J.'      10 ? 
1       'Crawford, J.L.'    11 ? 
1       'Van Boom, J.H.'    12 ? 
1       'Van Der Marel, G.' 13 ? 
1       'Rich, A.'          14 ? 
# 
loop_
_entity.id 
_entity.type 
_entity.src_method 
_entity.pdbx_description 
_entity.formula_weight 
_entity.pdbx_number_of_molecules 
_entity.pdbx_ec 
_entity.pdbx_mutation 
_entity.pdbx_fragment 
_entity.details 
1 polymer syn 
;DNA (5'-D(*CP*GP*CP*GP*(CBR)P*G)-3')
;
1889.101 2  ? ? ? ? 
2 water   nat water                                  18.015   61 ? ? ? ? 
# 
_entity_poly.entity_id                      1 
_entity_poly.type                           polydeoxyribonucleotide 
_entity_poly.nstd_linkage                   no 
_entity_poly.nstd_monomer                   yes 
_entity_poly.pdbx_seq_one_letter_code       '(DC)(DG)(DC)(DG)(CBR)(DG)' 
_entity_poly.pdbx_seq_one_letter_code_can   CGCGCG 
_entity_poly.pdbx_strand_id                 A,B 
_entity_poly.pdbx_target_identifier         ? 
# 
_pdbx_entity_nonpoly.entity_id   2 
_pdbx_entity_nonpoly.name        water 
_pdbx_entity_nonpoly.comp_id     HOH 
# 
loop_
_entity_poly_seq.entity_id 
_entity_poly_seq.num 
_entity_poly_seq.mon_id 
_entity_poly_seq.hetero 
1 1 DC  n 
1 2 DG  n 
1 3 DC  n 
1 4 DG  n 
1 5 CBR n 
1 6 DG  n 
# 
loop_
_chem_comp.id 
_chem_comp.type 
_chem_comp.mon_nstd_flag 
_chem_comp.name 
_chem_comp.pdbx_synonyms 
_chem_comp.formula 
_chem_comp.formula_weight 
CBR 'DNA linking' n "5-BROMO-2'-DEOXY-CYTIDINE-5'-MONOPHOSPHATE" ? 'C9 H13 Br N3 O7 P' 386.093 
DC  'DNA linking' y "2'-DEOXYCYTIDINE-5'-MONOPHOSPHATE"          ? 'C9 H14 N3 O7 P'    307.197 
DG  'DNA linking' y "2'-DEOXYGUANOSINE-5'-MONOPHOSPHATE"         ? 'C10 H14 N5 O7 P'   347.221 
HOH non-polymer   . WATER                                        ? 'H2 O'              18.015  
# 
loop_
_pdbx_poly_seq_scheme.asym_id 
_pdbx_poly_seq_scheme.entity_id 
_pdbx_poly_seq_scheme.seq_id 
_pdbx_poly_seq_scheme.mon_id 
_pdbx_poly_seq_scheme.ndb_seq_num 
_pdbx_poly_seq_scheme.pdb_seq_num 
_pdbx_poly_seq_scheme.auth_seq_num 
_pdbx_poly_seq_scheme.pdb_mon_id 
_pdbx_poly_seq_scheme.auth_mon_id 
_pdbx_poly_seq_scheme.pdb_strand_id 
_pdbx_poly_seq_scheme.pdb_ins_code 
_pdbx_poly_seq_scheme.hetero 
A 1 1 DC  1 1  1  DC  C A . n 
A 1 2 DG  2 2  2  DG  G A . n 
A 1 3 DC  3 3  3  DC  C A . n 
A 1 4 DG  4 4  4  DG  G A . n 
A 1 5 CBR 5 5  5  CBR C A . n 
A 1 6 DG  6 6  6  DG  G A . n 
B 1 1 DC  1 7  7  DC  C B . n 
B 1 2 DG  2 8  8  DG  G B . n 
B 1 3 DC  3 9  9  DC  C B . n 
B 1 4 DG  4 10 10 DG  G B . n 
B 1 5 CBR 5 11 11 CBR C B . n 
B 1 6 DG  6 12 12 DG  G B . n 
# 
loop_
_pdbx_nonpoly_scheme.asym_id 
_pdbx_nonpoly_scheme.entity_id 
_pdbx_nonpoly_scheme.mon_id 
_pdbx_nonpoly_scheme.ndb_seq_num 
_pdbx_nonpoly_scheme.pdb_seq_num 
_pdbx_nonpoly_scheme.auth_seq_num 
_pdbx_nonpoly_scheme.pdb_mon_id 
_pdbx_nonpoly_scheme.auth_mon_id 
_pdbx_nonpoly_scheme.pdb_strand_id 
_pdbx_nonpoly_scheme.pdb_ins_code 
C 2 HOH 1  13 13 HOH HOH A . 
C 2 HOH 2  15 15 HOH HOH A . 
C 2 HOH 3  18 18 HOH HOH A . 
C 2 HOH 4  19 19 HOH HOH A . 
C 2 HOH 5  20 20 HOH HOH A . 
C 2 HOH 6  21 21 HOH HOH A . 
C 2 HOH 7  22 22 HOH HOH A . 
C 2 HOH 8  26 26 HOH HOH A . 
C 2 HOH 9  28 28 HOH HOH A . 
C 2 HOH 10 31 31 HOH HOH A . 
C 2 HOH 11 33 33 HOH HOH A . 
C 2 HOH 12 35 35 HOH HOH A . 
C 2 HOH 13 37 37 HOH HOH A . 
C 2 HOH 14 38 38 HOH HOH A . 
C 2 HOH 15 39 39 HOH HOH A . 
C 2 HOH 16 41 41 HOH HOH A . 
C 2 HOH 17 42 42 HOH HOH A . 
C 2 HOH 18 44 44 HOH HOH A . 
C 2 HOH 19 46 46 HOH HOH A . 
C 2 HOH 20 47 47 HOH HOH A . 
C 2 HOH 21 51 51 HOH HOH A . 
C 2 HOH 22 57 57 HOH HOH A . 
C 2 HOH 23 58 58 HOH HOH A . 
C 2 HOH 24 59 59 HOH HOH A . 
C 2 HOH 25 68 68 HOH HOH A . 
C 2 HOH 26 69 69 HOH HOH A . 
C 2 HOH 27 70 70 HOH HOH A . 
C 2 HOH 28 71 71 HOH HOH A . 
C 2 HOH 29 73 73 HOH HOH A . 
D 2 HOH 1  14 14 HOH HOH B . 
D 2 HOH 2  16 16 HOH HOH B . 
D 2 HOH 3  17 17 HOH HOH B . 
D 2 HOH 4  23 23 HOH HOH B . 
D 2 HOH 5  24 24 HOH HOH B . 
D 2 HOH 6  25 25 HOH HOH B . 
D 2 HOH 7  27 27 HOH HOH B . 
D 2 HOH 8  29 29 HOH HOH B . 
D 2 HOH 9  30 30 HOH HOH B . 
D 2 HOH 10 32 32 HOH HOH B . 
D 2 HOH 11 34 34 HOH HOH B . 
D 2 HOH 12 36 36 HOH HOH B . 
D 2 HOH 13 40 40 HOH HOH B . 
D 2 HOH 14 43 43 HOH HOH B . 
D 2 HOH 15 45 45 HOH HOH B . 
D 2 HOH 16 48 48 HOH HOH B . 
D 2 HOH 17 49 49 HOH HOH B . 
D 2 HOH 18 50 50 HOH HOH B . 
D 2 HOH 19 52 52 HOH HOH B . 
D 2 HOH 20 53 53 HOH HOH B . 
D 2 HOH 21 54 54 HOH HOH B . 
D 2 HOH 22 55 55 HOH HOH B . 
D 2 HOH 23 56 56 HOH HOH B . 
D 2 HOH 24 60 60 HOH HOH B . 
D 2 HOH 25 61 61 HOH HOH B . 
D 2 HOH 26 62 62 HOH HOH B . 
D 2 HOH 27 63 63 HOH HOH B . 
D 2 HOH 28 64 64 HOH HOH B . 
D 2 HOH 29 65 65 HOH HOH B . 
D 2 HOH 30 66 66 HOH HOH B . 
D 2 HOH 31 67 67 HOH HOH B . 
D 2 HOH 32 72 72 HOH HOH B . 
# 
loop_
_software.name 
_software.classification 
_software.version 
_software.citation_id 
_software.pdbx_ordinal 
MLPHARE phasing          . ? 1 
NUCLSQ  refinement       . ? 2 
DENZO   'data reduction' . ? 3 
CCP4    'data scaling'   . ? 4 
# 
_cell.entry_id           242D 
_cell.length_a           17.970 
_cell.length_b           30.980 
_cell.length_c           44.850 
_cell.angle_alpha        90.00 
_cell.angle_beta         90.00 
_cell.angle_gamma        90.00 
_cell.Z_PDB              8 
_cell.pdbx_unique_axis   ? 
# 
_symmetry.entry_id                         242D 
_symmetry.space_group_name_H-M             'P 21 21 21' 
_symmetry.pdbx_full_space_group_name_H-M   ? 
_symmetry.cell_setting                     ? 
_symmetry.Int_Tables_number                19 
# 
_exptl.entry_id          242D 
_exptl.method            'X-RAY DIFFRACTION' 
_exptl.crystals_number   ? 
# 
_exptl_crystal.id                    1 
_exptl_crystal.density_meas          ? 
_exptl_crystal.density_Matthews      1.65 
_exptl_crystal.density_percent_sol   25.55 
_exptl_crystal.description           ? 
# 
_diffrn.id                     1 
_diffrn.crystal_id             1 
_diffrn.ambient_temp           ? 
_diffrn.ambient_temp_details   ? 
# 
_diffrn_detector.diffrn_id              1 
_diffrn_detector.detector               'IMAGE PLATE' 
_diffrn_detector.type                   MARRESEARCH 
_diffrn_detector.pdbx_collection_date   1993-09-15 
_diffrn_detector.details                ? 
# 
_diffrn_radiation.diffrn_id                        1 
_diffrn_radiation.wavelength_id                    1 
_diffrn_radiation.pdbx_monochromatic_or_laue_m_l   M 
_diffrn_radiation.monochromator                    ? 
_diffrn_radiation.pdbx_diffrn_protocol             ? 
_diffrn_radiation.pdbx_scattering_type             x-ray 
# 
_diffrn_radiation_wavelength.id           1 
_diffrn_radiation_wavelength.wavelength   . 
_diffrn_radiation_wavelength.wt           1.0 
# 
_diffrn_source.diffrn_id                   1 
_diffrn_source.source                      SYNCHROTRON 
_diffrn_source.type                        'SRS BEAMLINE PX9.5' 
_diffrn_source.pdbx_synchrotron_site       SRS 
_diffrn_source.pdbx_synchrotron_beamline   PX9.5 
_diffrn_source.pdbx_wavelength             ? 
_diffrn_source.pdbx_wavelength_list        ? 
# 
_refine.entry_id                                 242D 
_refine.ls_number_reflns_obs                     3151 
_refine.ls_number_reflns_all                     ? 
_refine.pdbx_ls_sigma_I                          ? 
_refine.pdbx_ls_sigma_F                          0.000 
_refine.pdbx_data_cutoff_high_absF               ? 
_refine.pdbx_data_cutoff_low_absF                ? 
_refine.pdbx_data_cutoff_high_rms_absF           ? 
_refine.ls_d_res_low                             8.000 
_refine.ls_d_res_high                            1.650 
_refine.ls_percent_reflns_obs                    ? 
_refine.ls_R_factor_obs                          0.17 
_refine.ls_R_factor_all                          ? 
_refine.ls_R_factor_R_work                       ? 
_refine.ls_R_factor_R_free                       ? 
_refine.ls_R_factor_R_free_error                 ? 
_refine.ls_R_factor_R_free_error_details         ? 
_refine.ls_percent_reflns_R_free                 ? 
_refine.ls_number_reflns_R_free                  ? 
_refine.ls_number_parameters                     ? 
_refine.ls_number_restraints                     ? 
_refine.occupancy_min                            ? 
_refine.occupancy_max                            ? 
_refine.B_iso_mean                               ? 
_refine.aniso_B[1][1]                            ? 
_refine.aniso_B[2][2]                            ? 
_refine.aniso_B[3][3]                            ? 
_refine.aniso_B[1][2]                            ? 
_refine.aniso_B[1][3]                            ? 
_refine.aniso_B[2][3]                            ? 
_refine.solvent_model_details                    ? 
_refine.solvent_model_param_ksol                 ? 
_refine.solvent_model_param_bsol                 ? 
_refine.pdbx_ls_cross_valid_method               ? 
_refine.details                                  ? 
_refine.pdbx_starting_model                      ? 
_refine.pdbx_method_to_determine_struct          MAD 
_refine.pdbx_isotropic_thermal_model             ? 
_refine.pdbx_stereochemistry_target_values       ? 
_refine.pdbx_stereochem_target_val_spec_case     ? 
_refine.pdbx_R_Free_selection_details            ? 
_refine.pdbx_overall_ESU_R                       ? 
_refine.pdbx_overall_ESU_R_Free                  ? 
_refine.overall_SU_ML                            ? 
_refine.overall_SU_B                             ? 
_refine.pdbx_refine_id                           'X-RAY DIFFRACTION' 
_refine.pdbx_diffrn_id                           1 
_refine.pdbx_TLS_residual_ADP_flag               ? 
_refine.correlation_coeff_Fo_to_Fc               ? 
_refine.correlation_coeff_Fo_to_Fc_free          ? 
_refine.pdbx_solvent_vdw_probe_radii             ? 
_refine.pdbx_solvent_ion_probe_radii             ? 
_refine.pdbx_solvent_shrinkage_radii             ? 
_refine.pdbx_overall_phase_error                 ? 
_refine.overall_SU_R_Cruickshank_DPI             ? 
_refine.pdbx_overall_SU_R_free_Cruickshank_DPI   ? 
_refine.pdbx_overall_SU_R_Blow_DPI               ? 
_refine.pdbx_overall_SU_R_free_Blow_DPI          ? 
# 
_refine_hist.pdbx_refine_id                   'X-RAY DIFFRACTION' 
_refine_hist.cycle_id                         LAST 
_refine_hist.pdbx_number_atoms_protein        0 
_refine_hist.pdbx_number_atoms_nucleic_acid   240 
_refine_hist.pdbx_number_atoms_ligand         2 
_refine_hist.number_atoms_solvent             61 
_refine_hist.number_atoms_total               303 
_refine_hist.d_res_high                       1.650 
_refine_hist.d_res_low                        8.000 
# 
loop_
_refine_ls_restr.type 
_refine_ls_restr.dev_ideal 
_refine_ls_restr.dev_ideal_target 
_refine_ls_restr.weight 
_refine_ls_restr.number 
_refine_ls_restr.pdbx_refine_id 
_refine_ls_restr.pdbx_restraint_function 
n_bond_d               1.413 0.010 ? ? 'X-RAY DIFFRACTION' ? 
n_angle_d              2.404 0.150 ? ? 'X-RAY DIFFRACTION' ? 
n_planar_d             ?     ?     ? ? 'X-RAY DIFFRACTION' ? 
n_hb_or_metal_coord    ?     ?     ? ? 'X-RAY DIFFRACTION' ? 
n_sugar_bond_it        ?     ?     ? ? 'X-RAY DIFFRACTION' ? 
n_sugar_angle_it       ?     ?     ? ? 'X-RAY DIFFRACTION' ? 
n_phos_bond_it         ?     ?     ? ? 'X-RAY DIFFRACTION' ? 
n_phos_angle_it        ?     ?     ? ? 'X-RAY DIFFRACTION' ? 
n_bond_angle_restr     ?     ?     ? ? 'X-RAY DIFFRACTION' ? 
n_dihedral_angle_restr ?     ?     ? ? 'X-RAY DIFFRACTION' ? 
n_impr_tor             ?     ?     ? ? 'X-RAY DIFFRACTION' ? 
n_sugar_bond_d         ?     ?     ? ? 'X-RAY DIFFRACTION' ? 
n_sugar_bond_angle_d   ?     ?     ? ? 'X-RAY DIFFRACTION' ? 
n_phos_bond_d          1.542 0.010 ? ? 'X-RAY DIFFRACTION' ? 
n_phos_bond_angle_d    3.045 0.150 ? ? 'X-RAY DIFFRACTION' ? 
n_plane_restr          ?     ?     ? ? 'X-RAY DIFFRACTION' ? 
n_chiral_restr         ?     ?     ? ? 'X-RAY DIFFRACTION' ? 
n_singtor_nbd          ?     ?     ? ? 'X-RAY DIFFRACTION' ? 
n_multtor_nbd          ?     ?     ? ? 'X-RAY DIFFRACTION' ? 
n_xhyhbond_nbd         ?     ?     ? ? 'X-RAY DIFFRACTION' ? 
# 
_struct.entry_id                  242D 
_struct.title                     'MAD PHASING STRATEGIES EXPLORED WITH A BROMINATED OLIGONUCLEOTIDE CRYSTAL AT 1.65 A RESOLUTION.' 
_struct.pdbx_model_details        ? 
_struct.pdbx_CASP_flag            ? 
_struct.pdbx_model_type_details   ? 
# 
_struct_keywords.entry_id        242D 
_struct_keywords.pdbx_keywords   DNA 
_struct_keywords.text            'Z-DNA, DOUBLE HELIX, MODIFIED, DNA' 
# 
loop_
_struct_asym.id 
_struct_asym.pdbx_blank_PDB_chainid_flag 
_struct_asym.pdbx_modified 
_struct_asym.entity_id 
_struct_asym.details 
A N N 1 ? 
B N N 1 ? 
C N N 2 ? 
D N N 2 ? 
# 
_struct_ref.id                         1 
_struct_ref.entity_id                  1 
_struct_ref.db_name                    PDB 
_struct_ref.db_code                    242D 
_struct_ref.pdbx_db_accession          242D 
_struct_ref.pdbx_db_isoform            ? 
_struct_ref.pdbx_seq_one_letter_code   ? 
_struct_ref.pdbx_align_begin           ? 
# 
loop_
_struct_ref_seq.align_id 
_struct_ref_seq.ref_id 
_struct_ref_seq.pdbx_PDB_id_code 
_struct_ref_seq.pdbx_strand_id 
_struct_ref_seq.seq_align_beg 
_struct_ref_seq.pdbx_seq_align_beg_ins_code 
_struct_ref_seq.seq_align_end 
_struct_ref_seq.pdbx_seq_align_end_ins_code 
_struct_ref_seq.pdbx_db_accession 
_struct_ref_seq.db_align_beg 
_struct_ref_seq.pdbx_db_align_beg_ins_code 
_struct_ref_seq.db_align_end 
_struct_ref_seq.pdbx_db_align_end_ins_code 
_struct_ref_seq.pdbx_auth_seq_align_beg 
_struct_ref_seq.pdbx_auth_seq_align_end 
1 1 242D A 1 ? 6 ? 242D 1 ? 6  ? 1 6  
2 1 242D B 1 ? 6 ? 242D 7 ? 12 ? 7 12 
# 
_pdbx_struct_assembly.id                   1 
_pdbx_struct_assembly.details              author_defined_assembly 
_pdbx_struct_assembly.method_details       ? 
_pdbx_struct_assembly.oligomeric_details   dimeric 
_pdbx_struct_assembly.oligomeric_count     2 
# 
_pdbx_struct_assembly_gen.assembly_id       1 
_pdbx_struct_assembly_gen.oper_expression   1 
_pdbx_struct_assembly_gen.asym_id_list      A,B,C,D 
# 
_pdbx_struct_oper_list.id                   1 
_pdbx_struct_oper_list.type                 'identity operation' 
_pdbx_struct_oper_list.name                 1_555 
_pdbx_struct_oper_list.symmetry_operation   x,y,z 
_pdbx_struct_oper_list.matrix[1][1]         1.0000000000 
_pdbx_struct_oper_list.matrix[1][2]         0.0000000000 
_pdbx_struct_oper_list.matrix[1][3]         0.0000000000 
_pdbx_struct_oper_list.vector[1]            0.0000000000 
_pdbx_struct_oper_list.matrix[2][1]         0.0000000000 
_pdbx_struct_oper_list.matrix[2][2]         1.0000000000 
_pdbx_struct_oper_list.matrix[2][3]         0.0000000000 
_pdbx_struct_oper_list.vector[2]            0.0000000000 
_pdbx_struct_oper_list.matrix[3][1]         0.0000000000 
_pdbx_struct_oper_list.matrix[3][2]         0.0000000000 
_pdbx_struct_oper_list.matrix[3][3]         1.0000000000 
_pdbx_struct_oper_list.vector[3]            0.0000000000 
# 
_struct_biol.id   1 
# 
loop_
_struct_conn.id 
_struct_conn.conn_type_id 
_struct_conn.pdbx_leaving_atom_flag 
_struct_conn.pdbx_PDB_id 
_struct_conn.ptnr1_label_asym_id 
_struct_conn.ptnr1_label_comp_id 
_struct_conn.ptnr1_label_seq_id 
_struct_conn.ptnr1_label_atom_id 
_struct_conn.pdbx_ptnr1_label_alt_id 
_struct_conn.pdbx_ptnr1_PDB_ins_code 
_struct_conn.pdbx_ptnr1_standard_comp_id 
_struct_conn.ptnr1_symmetry 
_struct_conn.ptnr2_label_asym_id 
_struct_conn.ptnr2_label_comp_id 
_struct_conn.ptnr2_label_seq_id 
_struct_conn.ptnr2_label_atom_id 
_struct_conn.pdbx_ptnr2_label_alt_id 
_struct_conn.pdbx_ptnr2_PDB_ins_code 
_struct_conn.ptnr1_auth_asym_id 
_struct_conn.ptnr1_auth_comp_id 
_struct_conn.ptnr1_auth_seq_id 
_struct_conn.ptnr2_auth_asym_id 
_struct_conn.ptnr2_auth_comp_id 
_struct_conn.ptnr2_auth_seq_id 
_struct_conn.ptnr2_symmetry 
_struct_conn.pdbx_ptnr3_label_atom_id 
_struct_conn.pdbx_ptnr3_label_seq_id 
_struct_conn.pdbx_ptnr3_label_comp_id 
_struct_conn.pdbx_ptnr3_label_asym_id 
_struct_conn.pdbx_ptnr3_label_alt_id 
_struct_conn.pdbx_ptnr3_PDB_ins_code 
_struct_conn.details 
_struct_conn.pdbx_dist_value 
_struct_conn.pdbx_value_order 
_struct_conn.pdbx_role 
covale1  covale both ? A DG  4 "O3'" ? ? ? 1_555 A CBR 5 P  ? ? A DG  4  A CBR 5  1_555 ? ? ? ? ? ? ?            1.601 ? ? 
covale2  covale both ? A CBR 5 "O3'" ? ? ? 1_555 A DG  6 P  ? ? A CBR 5  A DG  6  1_555 ? ? ? ? ? ? ?            1.598 ? ? 
covale3  covale both ? B DG  4 "O3'" ? ? ? 1_555 B CBR 5 P  ? ? B DG  10 B CBR 11 1_555 ? ? ? ? ? ? ?            1.594 ? ? 
covale4  covale both ? B CBR 5 "O3'" ? ? ? 1_555 B DG  6 P  ? ? B CBR 11 B DG  12 1_555 ? ? ? ? ? ? ?            1.610 ? ? 
hydrog1  hydrog ?    ? A DC  1 N3    ? ? ? 1_555 B DG  6 N1 ? ? A DC  1  B DG  12 1_555 ? ? ? ? ? ? WATSON-CRICK ?     ? ? 
hydrog2  hydrog ?    ? A DC  1 N4    ? ? ? 1_555 B DG  6 O6 ? ? A DC  1  B DG  12 1_555 ? ? ? ? ? ? WATSON-CRICK ?     ? ? 
hydrog3  hydrog ?    ? A DC  1 O2    ? ? ? 1_555 B DG  6 N2 ? ? A DC  1  B DG  12 1_555 ? ? ? ? ? ? WATSON-CRICK ?     ? ? 
hydrog4  hydrog ?    ? A DG  2 N1    ? ? ? 1_555 B CBR 5 N3 ? ? A DG  2  B CBR 11 1_555 ? ? ? ? ? ? WATSON-CRICK ?     ? ? 
hydrog5  hydrog ?    ? A DG  2 N2    ? ? ? 1_555 B CBR 5 O2 ? ? A DG  2  B CBR 11 1_555 ? ? ? ? ? ? WATSON-CRICK ?     ? ? 
hydrog6  hydrog ?    ? A DG  2 O6    ? ? ? 1_555 B CBR 5 N4 ? ? A DG  2  B CBR 11 1_555 ? ? ? ? ? ? WATSON-CRICK ?     ? ? 
hydrog7  hydrog ?    ? A DC  3 N3    ? ? ? 1_555 B DG  4 N1 ? ? A DC  3  B DG  10 1_555 ? ? ? ? ? ? WATSON-CRICK ?     ? ? 
hydrog8  hydrog ?    ? A DC  3 N4    ? ? ? 1_555 B DG  4 O6 ? ? A DC  3  B DG  10 1_555 ? ? ? ? ? ? WATSON-CRICK ?     ? ? 
hydrog9  hydrog ?    ? A DC  3 O2    ? ? ? 1_555 B DG  4 N2 ? ? A DC  3  B DG  10 1_555 ? ? ? ? ? ? WATSON-CRICK ?     ? ? 
hydrog10 hydrog ?    ? A DG  4 N1    ? ? ? 1_555 B DC  3 N3 ? ? A DG  4  B DC  9  1_555 ? ? ? ? ? ? WATSON-CRICK ?     ? ? 
hydrog11 hydrog ?    ? A DG  4 N2    ? ? ? 1_555 B DC  3 O2 ? ? A DG  4  B DC  9  1_555 ? ? ? ? ? ? WATSON-CRICK ?     ? ? 
hydrog12 hydrog ?    ? A DG  4 O6    ? ? ? 1_555 B DC  3 N4 ? ? A DG  4  B DC  9  1_555 ? ? ? ? ? ? WATSON-CRICK ?     ? ? 
hydrog13 hydrog ?    ? A CBR 5 N3    ? ? ? 1_555 B DG  2 N1 ? ? A CBR 5  B DG  8  1_555 ? ? ? ? ? ? WATSON-CRICK ?     ? ? 
hydrog14 hydrog ?    ? A CBR 5 N4    ? ? ? 1_555 B DG  2 O6 ? ? A CBR 5  B DG  8  1_555 ? ? ? ? ? ? WATSON-CRICK ?     ? ? 
hydrog15 hydrog ?    ? A CBR 5 O2    ? ? ? 1_555 B DG  2 N2 ? ? A CBR 5  B DG  8  1_555 ? ? ? ? ? ? WATSON-CRICK ?     ? ? 
hydrog16 hydrog ?    ? A DG  6 N1    ? ? ? 1_555 B DC  1 N3 ? ? A DG  6  B DC  7  1_555 ? ? ? ? ? ? WATSON-CRICK ?     ? ? 
hydrog17 hydrog ?    ? A DG  6 N2    ? ? ? 1_555 B DC  1 O2 ? ? A DG  6  B DC  7  1_555 ? ? ? ? ? ? WATSON-CRICK ?     ? ? 
hydrog18 hydrog ?    ? A DG  6 O6    ? ? ? 1_555 B DC  1 N4 ? ? A DG  6  B DC  7  1_555 ? ? ? ? ? ? WATSON-CRICK ?     ? ? 
# 
loop_
_struct_conn_type.id 
_struct_conn_type.criteria 
_struct_conn_type.reference 
covale ? ? 
hydrog ? ? 
# 
loop_
_pdbx_validate_close_contact.id 
_pdbx_validate_close_contact.PDB_model_num 
_pdbx_validate_close_contact.auth_atom_id_1 
_pdbx_validate_close_contact.auth_asym_id_1 
_pdbx_validate_close_contact.auth_comp_id_1 
_pdbx_validate_close_contact.auth_seq_id_1 
_pdbx_validate_close_contact.PDB_ins_code_1 
_pdbx_validate_close_contact.label_alt_id_1 
_pdbx_validate_close_contact.auth_atom_id_2 
_pdbx_validate_close_contact.auth_asym_id_2 
_pdbx_validate_close_contact.auth_comp_id_2 
_pdbx_validate_close_contact.auth_seq_id_2 
_pdbx_validate_close_contact.PDB_ins_code_2 
_pdbx_validate_close_contact.label_alt_id_2 
_pdbx_validate_close_contact.dist 
1 1 O B HOH 43 ? ? O B HOH 72 ? ? 2.09 
2 1 O A HOH 58 ? ? O B HOH 40 ? ? 2.18 
# 
loop_
_pdbx_validate_rmsd_bond.id 
_pdbx_validate_rmsd_bond.PDB_model_num 
_pdbx_validate_rmsd_bond.auth_atom_id_1 
_pdbx_validate_rmsd_bond.auth_asym_id_1 
_pdbx_validate_rmsd_bond.auth_comp_id_1 
_pdbx_validate_rmsd_bond.auth_seq_id_1 
_pdbx_validate_rmsd_bond.PDB_ins_code_1 
_pdbx_validate_rmsd_bond.label_alt_id_1 
_pdbx_validate_rmsd_bond.auth_atom_id_2 
_pdbx_validate_rmsd_bond.auth_asym_id_2 
_pdbx_validate_rmsd_bond.auth_comp_id_2 
_pdbx_validate_rmsd_bond.auth_seq_id_2 
_pdbx_validate_rmsd_bond.PDB_ins_code_2 
_pdbx_validate_rmsd_bond.label_alt_id_2 
_pdbx_validate_rmsd_bond.bond_value 
_pdbx_validate_rmsd_bond.bond_target_value 
_pdbx_validate_rmsd_bond.bond_deviation 
_pdbx_validate_rmsd_bond.bond_standard_deviation 
_pdbx_validate_rmsd_bond.linker_flag 
1 1 "O4'" A DC 3  ? ? "C4'" A DC 3  ? ? 1.386 1.446 -0.060 0.010 N 
2 1 "O4'" A DG 4  ? ? "C4'" A DG 4  ? ? 1.382 1.446 -0.064 0.010 N 
3 1 "O4'" B DG 10 ? ? "C4'" B DG 10 ? ? 1.383 1.446 -0.063 0.010 N 
# 
loop_
_pdbx_validate_rmsd_angle.id 
_pdbx_validate_rmsd_angle.PDB_model_num 
_pdbx_validate_rmsd_angle.auth_atom_id_1 
_pdbx_validate_rmsd_angle.auth_asym_id_1 
_pdbx_validate_rmsd_angle.auth_comp_id_1 
_pdbx_validate_rmsd_angle.auth_seq_id_1 
_pdbx_validate_rmsd_angle.PDB_ins_code_1 
_pdbx_validate_rmsd_angle.label_alt_id_1 
_pdbx_validate_rmsd_angle.auth_atom_id_2 
_pdbx_validate_rmsd_angle.auth_asym_id_2 
_pdbx_validate_rmsd_angle.auth_comp_id_2 
_pdbx_validate_rmsd_angle.auth_seq_id_2 
_pdbx_validate_rmsd_angle.PDB_ins_code_2 
_pdbx_validate_rmsd_angle.label_alt_id_2 
_pdbx_validate_rmsd_angle.auth_atom_id_3 
_pdbx_validate_rmsd_angle.auth_asym_id_3 
_pdbx_validate_rmsd_angle.auth_comp_id_3 
_pdbx_validate_rmsd_angle.auth_seq_id_3 
_pdbx_validate_rmsd_angle.PDB_ins_code_3 
_pdbx_validate_rmsd_angle.label_alt_id_3 
_pdbx_validate_rmsd_angle.angle_value 
_pdbx_validate_rmsd_angle.angle_target_value 
_pdbx_validate_rmsd_angle.angle_deviation 
_pdbx_validate_rmsd_angle.angle_standard_deviation 
_pdbx_validate_rmsd_angle.linker_flag 
1  1 C6    A DG 2  ? ? N1    A DG 2  ? ? C2    A DG 2  ? ? 120.69 125.10 -4.41 0.60 N 
2  1 C5    A DG 2  ? ? C6    A DG 2  ? ? N1    A DG 2  ? ? 115.15 111.50 3.65  0.50 N 
3  1 "O4'" A DC 3  ? ? "C1'" A DC 3  ? ? N1    A DC 3  ? ? 111.01 108.30 2.71  0.30 N 
4  1 C2    A DC 3  ? ? N3    A DC 3  ? ? C4    A DC 3  ? ? 123.05 119.90 3.15  0.50 N 
5  1 N3    A DC 3  ? ? C4    A DC 3  ? ? C5    A DC 3  ? ? 119.27 121.90 -2.63 0.40 N 
6  1 "O5'" A DG 4  ? ? "C5'" A DG 4  ? ? "C4'" A DG 4  ? ? 103.26 109.40 -6.14 0.80 N 
7  1 C5    A DG 4  ? ? C6    A DG 4  ? ? N1    A DG 4  ? ? 114.88 111.50 3.38  0.50 N 
8  1 "O5'" A DG 6  ? ? "C5'" A DG 6  ? ? "C4'" A DG 6  ? ? 103.65 109.40 -5.75 0.80 N 
9  1 "O4'" A DG 6  ? ? "C1'" A DG 6  ? ? N9    A DG 6  ? ? 111.33 108.30 3.03  0.30 N 
10 1 C6    A DG 6  ? ? N1    A DG 6  ? ? C2    A DG 6  ? ? 121.44 125.10 -3.66 0.60 N 
11 1 C5    A DG 6  ? ? C6    A DG 6  ? ? N1    A DG 6  ? ? 114.71 111.50 3.21  0.50 N 
12 1 "O4'" B DC 7  ? ? "C1'" B DC 7  ? ? "C2'" B DC 7  ? ? 100.87 105.90 -5.03 0.80 N 
13 1 "O4'" B DC 7  ? ? "C1'" B DC 7  ? ? N1    B DC 7  ? ? 110.17 108.30 1.87  0.30 N 
14 1 C2    B DC 7  ? ? N3    B DC 7  ? ? C4    B DC 7  ? ? 123.44 119.90 3.54  0.50 N 
15 1 N3    B DC 7  ? ? C4    B DC 7  ? ? C5    B DC 7  ? ? 118.85 121.90 -3.05 0.40 N 
16 1 "O4'" B DG 8  ? ? "C1'" B DG 8  ? ? N9    B DG 8  ? ? 110.40 108.30 2.10  0.30 N 
17 1 C6    B DG 8  ? ? N1    B DG 8  ? ? C2    B DG 8  ? ? 120.68 125.10 -4.42 0.60 N 
18 1 C5    B DG 8  ? ? C6    B DG 8  ? ? N1    B DG 8  ? ? 115.61 111.50 4.11  0.50 N 
19 1 C5    B DG 8  ? ? C6    B DG 8  ? ? O6    B DG 8  ? ? 124.77 128.60 -3.83 0.60 N 
20 1 OP1   B DC 9  ? ? P     B DC 9  ? ? OP2   B DC 9  ? ? 109.67 119.60 -9.93 1.50 N 
21 1 "O4'" B DC 9  ? ? "C1'" B DC 9  ? ? N1    B DC 9  ? ? 110.93 108.30 2.63  0.30 N 
22 1 C2    B DC 9  ? ? N3    B DC 9  ? ? C4    B DC 9  ? ? 123.18 119.90 3.28  0.50 N 
23 1 N3    B DC 9  ? ? C4    B DC 9  ? ? C5    B DC 9  ? ? 119.35 121.90 -2.55 0.40 N 
24 1 C6    B DG 10 ? ? N1    B DG 10 ? ? C2    B DG 10 ? ? 121.39 125.10 -3.71 0.60 N 
25 1 C5    B DG 10 ? ? C6    B DG 10 ? ? N1    B DG 10 ? ? 114.91 111.50 3.41  0.50 N 
26 1 C6    B DG 12 ? ? N1    B DG 12 ? ? C2    B DG 12 ? ? 120.70 125.10 -4.40 0.60 N 
27 1 C5    B DG 12 ? ? C6    B DG 12 ? ? N1    B DG 12 ? ? 114.92 111.50 3.42  0.50 N 
# 
loop_
_pdbx_struct_mod_residue.id 
_pdbx_struct_mod_residue.label_asym_id 
_pdbx_struct_mod_residue.label_comp_id 
_pdbx_struct_mod_residue.label_seq_id 
_pdbx_struct_mod_residue.auth_asym_id 
_pdbx_struct_mod_residue.auth_comp_id 
_pdbx_struct_mod_residue.auth_seq_id 
_pdbx_struct_mod_residue.PDB_ins_code 
_pdbx_struct_mod_residue.parent_comp_id 
_pdbx_struct_mod_residue.details 
1 A CBR 5 A CBR 5  ? DC ? 
2 B CBR 5 B CBR 11 ? DC ? 
# 
loop_
_refine_B_iso.class 
_refine_B_iso.details 
_refine_B_iso.treatment 
_refine_B_iso.pdbx_refine_id 
'ALL ATOMS'  TR isotropic 'X-RAY DIFFRACTION' 
'ALL WATERS' TR isotropic 'X-RAY DIFFRACTION' 
# 
loop_
_refine_occupancy.class 
_refine_occupancy.treatment 
_refine_occupancy.pdbx_refine_id 
'ALL ATOMS'  fix 'X-RAY DIFFRACTION' 
'ALL WATERS' fix 'X-RAY DIFFRACTION' 
# 
loop_
_chem_comp_atom.comp_id 
_chem_comp_atom.atom_id 
_chem_comp_atom.type_symbol 
_chem_comp_atom.pdbx_aromatic_flag 
_chem_comp_atom.pdbx_stereo_config 
_chem_comp_atom.pdbx_ordinal 
CBR BR     BR N N 1   
CBR P      P  N N 2   
CBR OP1    O  N N 3   
CBR OP2    O  N N 4   
CBR "O5'"  O  N N 5   
CBR N1     N  N N 6   
CBR C6     C  N N 7   
CBR C2     C  N N 8   
CBR O2     O  N N 9   
CBR N3     N  N N 10  
CBR C4     C  N N 11  
CBR N4     N  N N 12  
CBR C5     C  N N 13  
CBR "C2'"  C  N N 14  
CBR "C5'"  C  N N 15  
CBR "C4'"  C  N R 16  
CBR "O4'"  O  N N 17  
CBR "C1'"  C  N R 18  
CBR "C3'"  C  N S 19  
CBR "O3'"  O  N N 20  
CBR OP3    O  N N 21  
CBR HOP2   H  N N 22  
CBR H6     H  N N 23  
CBR H41    H  N N 24  
CBR H42    H  N N 25  
CBR "H2'"  H  N N 26  
CBR "H2''" H  N N 27  
CBR "H5'"  H  N N 28  
CBR "H5''" H  N N 29  
CBR "H4'"  H  N N 30  
CBR "H1'"  H  N N 31  
CBR "H3'"  H  N N 32  
CBR "HO3'" H  N N 33  
CBR HOP3   H  N N 34  
DC  OP3    O  N N 35  
DC  P      P  N N 36  
DC  OP1    O  N N 37  
DC  OP2    O  N N 38  
DC  "O5'"  O  N N 39  
DC  "C5'"  C  N N 40  
DC  "C4'"  C  N R 41  
DC  "O4'"  O  N N 42  
DC  "C3'"  C  N S 43  
DC  "O3'"  O  N N 44  
DC  "C2'"  C  N N 45  
DC  "C1'"  C  N R 46  
DC  N1     N  N N 47  
DC  C2     C  N N 48  
DC  O2     O  N N 49  
DC  N3     N  N N 50  
DC  C4     C  N N 51  
DC  N4     N  N N 52  
DC  C5     C  N N 53  
DC  C6     C  N N 54  
DC  HOP3   H  N N 55  
DC  HOP2   H  N N 56  
DC  "H5'"  H  N N 57  
DC  "H5''" H  N N 58  
DC  "H4'"  H  N N 59  
DC  "H3'"  H  N N 60  
DC  "HO3'" H  N N 61  
DC  "H2'"  H  N N 62  
DC  "H2''" H  N N 63  
DC  "H1'"  H  N N 64  
DC  H41    H  N N 65  
DC  H42    H  N N 66  
DC  H5     H  N N 67  
DC  H6     H  N N 68  
DG  OP3    O  N N 69  
DG  P      P  N N 70  
DG  OP1    O  N N 71  
DG  OP2    O  N N 72  
DG  "O5'"  O  N N 73  
DG  "C5'"  C  N N 74  
DG  "C4'"  C  N R 75  
DG  "O4'"  O  N N 76  
DG  "C3'"  C  N S 77  
DG  "O3'"  O  N N 78  
DG  "C2'"  C  N N 79  
DG  "C1'"  C  N R 80  
DG  N9     N  Y N 81  
DG  C8     C  Y N 82  
DG  N7     N  Y N 83  
DG  C5     C  Y N 84  
DG  C6     C  N N 85  
DG  O6     O  N N 86  
DG  N1     N  N N 87  
DG  C2     C  N N 88  
DG  N2     N  N N 89  
DG  N3     N  N N 90  
DG  C4     C  Y N 91  
DG  HOP3   H  N N 92  
DG  HOP2   H  N N 93  
DG  "H5'"  H  N N 94  
DG  "H5''" H  N N 95  
DG  "H4'"  H  N N 96  
DG  "H3'"  H  N N 97  
DG  "HO3'" H  N N 98  
DG  "H2'"  H  N N 99  
DG  "H2''" H  N N 100 
DG  "H1'"  H  N N 101 
DG  H8     H  N N 102 
DG  H1     H  N N 103 
DG  H21    H  N N 104 
DG  H22    H  N N 105 
HOH O      O  N N 106 
HOH H1     H  N N 107 
HOH H2     H  N N 108 
# 
loop_
_chem_comp_bond.comp_id 
_chem_comp_bond.atom_id_1 
_chem_comp_bond.atom_id_2 
_chem_comp_bond.value_order 
_chem_comp_bond.pdbx_aromatic_flag 
_chem_comp_bond.pdbx_stereo_config 
_chem_comp_bond.pdbx_ordinal 
CBR BR    C5     sing N N 1   
CBR P     OP1    doub N N 2   
CBR P     OP2    sing N N 3   
CBR P     "O5'"  sing N N 4   
CBR P     OP3    sing N N 5   
CBR OP2   HOP2   sing N N 6   
CBR "O5'" "C5'"  sing N N 7   
CBR N1    C6     sing N N 8   
CBR N1    C2     sing N N 9   
CBR N1    "C1'"  sing N N 10  
CBR C6    C5     doub N N 11  
CBR C6    H6     sing N N 12  
CBR C2    O2     doub N N 13  
CBR C2    N3     sing N N 14  
CBR N3    C4     doub N N 15  
CBR C4    N4     sing N N 16  
CBR C4    C5     sing N N 17  
CBR N4    H41    sing N N 18  
CBR N4    H42    sing N N 19  
CBR "C2'" "C1'"  sing N N 20  
CBR "C2'" "C3'"  sing N N 21  
CBR "C2'" "H2'"  sing N N 22  
CBR "C2'" "H2''" sing N N 23  
CBR "C5'" "C4'"  sing N N 24  
CBR "C5'" "H5'"  sing N N 25  
CBR "C5'" "H5''" sing N N 26  
CBR "C4'" "O4'"  sing N N 27  
CBR "C4'" "C3'"  sing N N 28  
CBR "C4'" "H4'"  sing N N 29  
CBR "O4'" "C1'"  sing N N 30  
CBR "C1'" "H1'"  sing N N 31  
CBR "C3'" "O3'"  sing N N 32  
CBR "C3'" "H3'"  sing N N 33  
CBR "O3'" "HO3'" sing N N 34  
CBR OP3   HOP3   sing N N 35  
DC  OP3   P      sing N N 36  
DC  OP3   HOP3   sing N N 37  
DC  P     OP1    doub N N 38  
DC  P     OP2    sing N N 39  
DC  P     "O5'"  sing N N 40  
DC  OP2   HOP2   sing N N 41  
DC  "O5'" "C5'"  sing N N 42  
DC  "C5'" "C4'"  sing N N 43  
DC  "C5'" "H5'"  sing N N 44  
DC  "C5'" "H5''" sing N N 45  
DC  "C4'" "O4'"  sing N N 46  
DC  "C4'" "C3'"  sing N N 47  
DC  "C4'" "H4'"  sing N N 48  
DC  "O4'" "C1'"  sing N N 49  
DC  "C3'" "O3'"  sing N N 50  
DC  "C3'" "C2'"  sing N N 51  
DC  "C3'" "H3'"  sing N N 52  
DC  "O3'" "HO3'" sing N N 53  
DC  "C2'" "C1'"  sing N N 54  
DC  "C2'" "H2'"  sing N N 55  
DC  "C2'" "H2''" sing N N 56  
DC  "C1'" N1     sing N N 57  
DC  "C1'" "H1'"  sing N N 58  
DC  N1    C2     sing N N 59  
DC  N1    C6     sing N N 60  
DC  C2    O2     doub N N 61  
DC  C2    N3     sing N N 62  
DC  N3    C4     doub N N 63  
DC  C4    N4     sing N N 64  
DC  C4    C5     sing N N 65  
DC  N4    H41    sing N N 66  
DC  N4    H42    sing N N 67  
DC  C5    C6     doub N N 68  
DC  C5    H5     sing N N 69  
DC  C6    H6     sing N N 70  
DG  OP3   P      sing N N 71  
DG  OP3   HOP3   sing N N 72  
DG  P     OP1    doub N N 73  
DG  P     OP2    sing N N 74  
DG  P     "O5'"  sing N N 75  
DG  OP2   HOP2   sing N N 76  
DG  "O5'" "C5'"  sing N N 77  
DG  "C5'" "C4'"  sing N N 78  
DG  "C5'" "H5'"  sing N N 79  
DG  "C5'" "H5''" sing N N 80  
DG  "C4'" "O4'"  sing N N 81  
DG  "C4'" "C3'"  sing N N 82  
DG  "C4'" "H4'"  sing N N 83  
DG  "O4'" "C1'"  sing N N 84  
DG  "C3'" "O3'"  sing N N 85  
DG  "C3'" "C2'"  sing N N 86  
DG  "C3'" "H3'"  sing N N 87  
DG  "O3'" "HO3'" sing N N 88  
DG  "C2'" "C1'"  sing N N 89  
DG  "C2'" "H2'"  sing N N 90  
DG  "C2'" "H2''" sing N N 91  
DG  "C1'" N9     sing N N 92  
DG  "C1'" "H1'"  sing N N 93  
DG  N9    C8     sing Y N 94  
DG  N9    C4     sing Y N 95  
DG  C8    N7     doub Y N 96  
DG  C8    H8     sing N N 97  
DG  N7    C5     sing Y N 98  
DG  C5    C6     sing N N 99  
DG  C5    C4     doub Y N 100 
DG  C6    O6     doub N N 101 
DG  C6    N1     sing N N 102 
DG  N1    C2     sing N N 103 
DG  N1    H1     sing N N 104 
DG  C2    N2     sing N N 105 
DG  C2    N3     doub N N 106 
DG  N2    H21    sing N N 107 
DG  N2    H22    sing N N 108 
DG  N3    C4     sing N N 109 
HOH O     H1     sing N N 110 
HOH O     H2     sing N N 111 
# 
_ndb_struct_conf_na.entry_id   242D 
_ndb_struct_conf_na.feature    'z-form double helix' 
# 
loop_
_ndb_struct_na_base_pair.model_number 
_ndb_struct_na_base_pair.i_label_asym_id 
_ndb_struct_na_base_pair.i_label_comp_id 
_ndb_struct_na_base_pair.i_label_seq_id 
_ndb_struct_na_base_pair.i_symmetry 
_ndb_struct_na_base_pair.j_label_asym_id 
_ndb_struct_na_base_pair.j_label_comp_id 
_ndb_struct_na_base_pair.j_label_seq_id 
_ndb_struct_na_base_pair.j_symmetry 
_ndb_struct_na_base_pair.shear 
_ndb_struct_na_base_pair.stretch 
_ndb_struct_na_base_pair.stagger 
_ndb_struct_na_base_pair.buckle 
_ndb_struct_na_base_pair.propeller 
_ndb_struct_na_base_pair.opening 
_ndb_struct_na_base_pair.pair_number 
_ndb_struct_na_base_pair.pair_name 
_ndb_struct_na_base_pair.i_auth_asym_id 
_ndb_struct_na_base_pair.i_auth_seq_id 
_ndb_struct_na_base_pair.i_PDB_ins_code 
_ndb_struct_na_base_pair.j_auth_asym_id 
_ndb_struct_na_base_pair.j_auth_seq_id 
_ndb_struct_na_base_pair.j_PDB_ins_code 
_ndb_struct_na_base_pair.hbond_type_28 
_ndb_struct_na_base_pair.hbond_type_12 
1 A DC  1 1_555 B DG  6 1_555 -0.245 -0.194 -0.009 2.517  1.802  1.868 1 A_DC1:DG12_B  A 1 ? B 12 ? 19 1 
1 A DG  2 1_555 B CBR 5 1_555 0.389  -0.083 0.102  -5.785 -1.931 2.302 2 A_DG2:CBR11_B A 2 ? B 11 ? 19 1 
1 A DC  3 1_555 B DG  4 1_555 -0.373 -0.145 0.131  1.803  -0.769 2.632 3 A_DC3:DG10_B  A 3 ? B 10 ? 19 1 
1 A DG  4 1_555 B DC  3 1_555 0.166  -0.160 0.181  -1.406 5.014  3.264 4 A_DG4:DC9_B   A 4 ? B 9  ? 19 1 
1 A CBR 5 1_555 B DG  2 1_555 -0.390 -0.133 0.046  6.172  -2.527 1.046 5 A_CBR5:DG8_B  A 5 ? B 8  ? 19 1 
1 A DG  6 1_555 B DC  1 1_555 0.264  -0.055 0.043  -5.825 -1.635 1.046 6 A_DG6:DC7_B   A 6 ? B 7  ? 19 1 
# 
loop_
_ndb_struct_na_base_pair_step.model_number 
_ndb_struct_na_base_pair_step.i_label_asym_id_1 
_ndb_struct_na_base_pair_step.i_label_comp_id_1 
_ndb_struct_na_base_pair_step.i_label_seq_id_1 
_ndb_struct_na_base_pair_step.i_symmetry_1 
_ndb_struct_na_base_pair_step.j_label_asym_id_1 
_ndb_struct_na_base_pair_step.j_label_comp_id_1 
_ndb_struct_na_base_pair_step.j_label_seq_id_1 
_ndb_struct_na_base_pair_step.j_symmetry_1 
_ndb_struct_na_base_pair_step.i_label_asym_id_2 
_ndb_struct_na_base_pair_step.i_label_comp_id_2 
_ndb_struct_na_base_pair_step.i_label_seq_id_2 
_ndb_struct_na_base_pair_step.i_symmetry_2 
_ndb_struct_na_base_pair_step.j_label_asym_id_2 
_ndb_struct_na_base_pair_step.j_label_comp_id_2 
_ndb_struct_na_base_pair_step.j_label_seq_id_2 
_ndb_struct_na_base_pair_step.j_symmetry_2 
_ndb_struct_na_base_pair_step.shift 
_ndb_struct_na_base_pair_step.slide 
_ndb_struct_na_base_pair_step.rise 
_ndb_struct_na_base_pair_step.tilt 
_ndb_struct_na_base_pair_step.roll 
_ndb_struct_na_base_pair_step.twist 
_ndb_struct_na_base_pair_step.x_displacement 
_ndb_struct_na_base_pair_step.y_displacement 
_ndb_struct_na_base_pair_step.helical_rise 
_ndb_struct_na_base_pair_step.inclination 
_ndb_struct_na_base_pair_step.tip 
_ndb_struct_na_base_pair_step.helical_twist 
_ndb_struct_na_base_pair_step.step_number 
_ndb_struct_na_base_pair_step.step_name 
_ndb_struct_na_base_pair_step.i_auth_asym_id_1 
_ndb_struct_na_base_pair_step.i_auth_seq_id_1 
_ndb_struct_na_base_pair_step.i_PDB_ins_code_1 
_ndb_struct_na_base_pair_step.j_auth_asym_id_1 
_ndb_struct_na_base_pair_step.j_auth_seq_id_1 
_ndb_struct_na_base_pair_step.j_PDB_ins_code_1 
_ndb_struct_na_base_pair_step.i_auth_asym_id_2 
_ndb_struct_na_base_pair_step.i_auth_seq_id_2 
_ndb_struct_na_base_pair_step.i_PDB_ins_code_2 
_ndb_struct_na_base_pair_step.j_auth_asym_id_2 
_ndb_struct_na_base_pair_step.j_auth_seq_id_2 
_ndb_struct_na_base_pair_step.j_PDB_ins_code_2 
1 A DC  1 1_555 B DG  6 1_555 A DG  2 1_555 B CBR 5 1_555 -0.125 5.352  3.734 -1.216 -3.647 -5.828  -21.476 -8.527 5.890 31.712 
-10.578 -6.981  1 AA_DC1DG2:CBR11DG12_BB A 1 ? B 12 ? A 2 ? B 11 ? 
1 A DG  2 1_555 B CBR 5 1_555 A DC  3 1_555 B DG  4 1_555 0.187  -1.012 3.316 -0.226 -4.233 -51.624 1.444   0.199  3.230 4.851  
-0.259  -51.786 2 AA_DG2DC3:DG10CBR11_BB A 2 ? B 11 ? A 3 ? B 10 ? 
1 A DC  3 1_555 B DG  4 1_555 A DG  4 1_555 B DC  3 1_555 0.119  5.384  3.700 -0.013 -1.798 -9.089  -28.266 0.699  4.672 11.200 
-0.079  -9.265  3 AA_DC3DG4:DC9DG10_BB   A 3 ? B 10 ? A 4 ? B 9  ? 
1 A DG  4 1_555 B DC  3 1_555 A CBR 5 1_555 B DG  2 1_555 -0.458 -0.950 3.370 1.680  -1.982 -50.888 1.246   -0.412 3.345 2.305  
1.953   -50.950 4 AA_DG4CBR5:DG8DC9_BB   A 4 ? B 9  ? A 5 ? B 8  ? 
1 A CBR 5 1_555 B DG  2 1_555 A DG  6 1_555 B DC  1 1_555 0.181  5.576  3.762 -1.086 -2.162 -10.640 -24.826 -1.310 4.789 11.463 
-5.760  -10.911 5 AA_CBR5DG6:DC7DG8_BB   A 5 ? B 8  ? A 6 ? B 7  ? 
# 
_atom_sites.entry_id                    242D 
_atom_sites.fract_transf_matrix[1][1]   -0.01281347 
_atom_sites.fract_transf_matrix[1][2]   -0.03283603 
_atom_sites.fract_transf_matrix[1][3]   0.04306428 
_atom_sites.fract_transf_matrix[2][1]   0.02819500 
_atom_sites.fract_transf_matrix[2][2]   0.00727203 
_atom_sites.fract_transf_matrix[2][3]   0.01393406 
_atom_sites.fract_transf_matrix[3][1]   -0.00956740 
_atom_sites.fract_transf_matrix[3][2]   0.01728926 
_atom_sites.fract_transf_matrix[3][3]   0.01033616 
_atom_sites.fract_transf_vector[1]      0.789158 
_atom_sites.fract_transf_vector[2]      0.500631 
_atom_sites.fract_transf_vector[3]      0.626587 
# 
loop_
_atom_type.symbol 
BR 
C  
N  
O  
P  
# 
loop_
_atom_site.group_PDB 
_atom_site.id 
_atom_site.type_symbol 
_atom_site.label_atom_id 
_atom_site.label_alt_id 
_atom_site.label_comp_id 
_atom_site.label_asym_id 
_atom_site.label_entity_id 
_atom_site.label_seq_id 
_atom_site.pdbx_PDB_ins_code 
_atom_site.Cartn_x 
_atom_site.Cartn_y 
_atom_site.Cartn_z 
_atom_site.occupancy 
_atom_site.B_iso_or_equiv 
_atom_site.pdbx_formal_charge 
_atom_site.auth_seq_id 
_atom_site.auth_comp_id 
_atom_site.auth_asym_id 
_atom_site.auth_atom_id 
_atom_site.pdbx_PDB_model_num 
ATOM   1   O  "O5'" . DC  A 1 1 ? 4.665   -10.365 0.767   1.00 8.33  ? 1  DC  A "O5'" 1 
ATOM   2   C  "C5'" . DC  A 1 1 ? 3.323   -9.884  1.052   1.00 4.97  ? 1  DC  A "C5'" 1 
ATOM   3   C  "C4'" . DC  A 1 1 ? 2.778   -9.341  -0.236  1.00 8.41  ? 1  DC  A "C4'" 1 
ATOM   4   O  "O4'" . DC  A 1 1 ? 3.346   -8.125  -0.652  1.00 10.52 ? 1  DC  A "O4'" 1 
ATOM   5   C  "C3'" . DC  A 1 1 ? 2.732   -10.228 -1.474  1.00 5.35  ? 1  DC  A "C3'" 1 
ATOM   6   O  "O3'" . DC  A 1 1 ? 1.501   -9.936  -2.182  1.00 10.20 ? 1  DC  A "O3'" 1 
ATOM   7   C  "C2'" . DC  A 1 1 ? 3.919   -9.693  -2.314  1.00 5.57  ? 1  DC  A "C2'" 1 
ATOM   8   C  "C1'" . DC  A 1 1 ? 3.811   -8.213  -2.019  1.00 4.94  ? 1  DC  A "C1'" 1 
ATOM   9   N  N1    . DC  A 1 1 ? 5.089   -7.507  -2.142  1.00 7.41  ? 1  DC  A N1    1 
ATOM   10  C  C2    . DC  A 1 1 ? 5.348   -6.857  -3.356  1.00 8.36  ? 1  DC  A C2    1 
ATOM   11  O  O2    . DC  A 1 1 ? 4.548   -6.924  -4.284  1.00 7.86  ? 1  DC  A O2    1 
ATOM   12  N  N3    . DC  A 1 1 ? 6.530   -6.194  -3.478  1.00 3.88  ? 1  DC  A N3    1 
ATOM   13  C  C4    . DC  A 1 1 ? 7.443   -6.130  -2.468  1.00 3.42  ? 1  DC  A C4    1 
ATOM   14  N  N4    . DC  A 1 1 ? 8.563   -5.443  -2.648  1.00 6.75  ? 1  DC  A N4    1 
ATOM   15  C  C5    . DC  A 1 1 ? 7.155   -6.763  -1.213  1.00 10.70 ? 1  DC  A C5    1 
ATOM   16  C  C6    . DC  A 1 1 ? 5.985   -7.428  -1.116  1.00 6.53  ? 1  DC  A C6    1 
ATOM   17  P  P     . DG  A 1 2 ? 0.207   -10.871 -1.973  1.00 12.93 ? 2  DG  A P     1 
ATOM   18  O  OP1   . DG  A 1 2 ? 0.717   -12.248 -1.971  1.00 14.90 ? 2  DG  A OP1   1 
ATOM   19  O  OP2   . DG  A 1 2 ? -0.762  -10.584 -3.078  1.00 14.52 ? 2  DG  A OP2   1 
ATOM   20  O  "O5'" . DG  A 1 2 ? -0.386  -10.428 -0.574  1.00 6.22  ? 2  DG  A "O5'" 1 
ATOM   21  C  "C5'" . DG  A 1 2 ? -0.886  -9.124  -0.343  1.00 5.89  ? 2  DG  A "C5'" 1 
ATOM   22  C  "C4'" . DG  A 1 2 ? -1.262  -9.074  1.130   1.00 7.45  ? 2  DG  A "C4'" 1 
ATOM   23  O  "O4'" . DG  A 1 2 ? -0.072  -9.210  1.869   1.00 7.64  ? 2  DG  A "O4'" 1 
ATOM   24  C  "C3'" . DG  A 1 2 ? -1.870  -7.713  1.492   1.00 4.00  ? 2  DG  A "C3'" 1 
ATOM   25  O  "O3'" . DG  A 1 2 ? -3.292  -7.766  1.580   1.00 14.03 ? 2  DG  A "O3'" 1 
ATOM   26  C  "C2'" . DG  A 1 2 ? -1.218  -7.337  2.802   1.00 8.48  ? 2  DG  A "C2'" 1 
ATOM   27  C  "C1'" . DG  A 1 2 ? -0.067  -8.261  2.955   1.00 8.60  ? 2  DG  A "C1'" 1 
ATOM   28  N  N9    . DG  A 1 2 ? 1.220   -7.555  2.936   1.00 5.85  ? 2  DG  A N9    1 
ATOM   29  C  C8    . DG  A 1 2 ? 2.198   -7.650  3.905   1.00 4.82  ? 2  DG  A C8    1 
ATOM   30  N  N7    . DG  A 1 2 ? 3.273   -6.963  3.623   1.00 9.68  ? 2  DG  A N7    1 
ATOM   31  C  C5    . DG  A 1 2 ? 2.983   -6.374  2.389   1.00 8.43  ? 2  DG  A C5    1 
ATOM   32  C  C6    . DG  A 1 2 ? 3.761   -5.520  1.557   1.00 7.11  ? 2  DG  A C6    1 
ATOM   33  O  O6    . DG  A 1 2 ? 4.907   -5.109  1.793   1.00 7.77  ? 2  DG  A O6    1 
ATOM   34  N  N1    . DG  A 1 2 ? 3.164   -5.155  0.374   1.00 7.16  ? 2  DG  A N1    1 
ATOM   35  C  C2    . DG  A 1 2 ? 1.906   -5.608  0.053   1.00 3.97  ? 2  DG  A C2    1 
ATOM   36  N  N2    . DG  A 1 2 ? 1.429   -5.173  -1.116  1.00 2.01  ? 2  DG  A N2    1 
ATOM   37  N  N3    . DG  A 1 2 ? 1.130   -6.401  0.797   1.00 5.77  ? 2  DG  A N3    1 
ATOM   38  C  C4    . DG  A 1 2 ? 1.734   -6.749  1.957   1.00 6.60  ? 2  DG  A C4    1 
ATOM   39  P  P     . DC  A 1 3 ? -4.260  -6.989  0.573   1.00 30.82 ? 3  DC  A P     1 
ATOM   40  O  OP1   . DC  A 1 3 ? -5.697  -7.278  0.915   1.00 22.31 ? 3  DC  A OP1   1 
ATOM   41  O  OP2   . DC  A 1 3 ? -3.910  -7.534  -0.781  1.00 27.12 ? 3  DC  A OP2   1 
ATOM   42  O  "O5'" . DC  A 1 3 ? -3.895  -5.444  0.706   1.00 10.58 ? 3  DC  A "O5'" 1 
ATOM   43  C  "C5'" . DC  A 1 3 ? -4.855  -4.450  0.274   1.00 8.42  ? 3  DC  A "C5'" 1 
ATOM   44  C  "C4'" . DC  A 1 3 ? -4.118  -3.387  -0.503  1.00 6.42  ? 3  DC  A "C4'" 1 
ATOM   45  O  "O4'" . DC  A 1 3 ? -3.211  -2.711  0.298   1.00 5.98  ? 3  DC  A "O4'" 1 
ATOM   46  C  "C3'" . DC  A 1 3 ? -3.381  -3.833  -1.754  1.00 3.62  ? 3  DC  A "C3'" 1 
ATOM   47  O  "O3'" . DC  A 1 3 ? -3.630  -3.000  -2.875  1.00 11.16 ? 3  DC  A "O3'" 1 
ATOM   48  C  "C2'" . DC  A 1 3 ? -1.915  -3.796  -1.320  1.00 2.83  ? 3  DC  A "C2'" 1 
ATOM   49  C  "C1'" . DC  A 1 3 ? -1.927  -2.652  -0.323  1.00 3.47  ? 3  DC  A "C1'" 1 
ATOM   50  N  N1    . DC  A 1 3 ? -0.849  -2.797  0.675   1.00 3.52  ? 3  DC  A N1    1 
ATOM   51  C  C2    . DC  A 1 3 ? 0.359   -2.142  0.399   1.00 2.00  ? 3  DC  A C2    1 
ATOM   52  O  O2    . DC  A 1 3 ? 0.487   -1.491  -0.630  1.00 4.52  ? 3  DC  A O2    1 
ATOM   53  N  N3    . DC  A 1 3 ? 1.351   -2.259  1.307   1.00 4.51  ? 3  DC  A N3    1 
ATOM   54  C  C4    . DC  A 1 3 ? 1.226   -2.977  2.451   1.00 4.55  ? 3  DC  A C4    1 
ATOM   55  N  N4    . DC  A 1 3 ? 2.229   -3.070  3.323   1.00 7.78  ? 3  DC  A N4    1 
ATOM   56  C  C5    . DC  A 1 3 ? -0.008  -3.649  2.724   1.00 7.81  ? 3  DC  A C5    1 
ATOM   57  C  C6    . DC  A 1 3 ? -0.996  -3.508  1.824   1.00 6.90  ? 3  DC  A C6    1 
ATOM   58  P  P     . DG  A 1 4 ? -4.826  -3.224  -3.926  1.00 12.45 ? 4  DG  A P     1 
ATOM   59  O  OP1   . DG  A 1 4 ? -4.956  -4.697  -4.118  1.00 9.36  ? 4  DG  A OP1   1 
ATOM   60  O  OP2   . DG  A 1 4 ? -4.479  -2.504  -5.196  1.00 13.35 ? 4  DG  A OP2   1 
ATOM   61  O  "O5'" . DG  A 1 4 ? -6.084  -2.592  -3.207  1.00 6.01  ? 4  DG  A "O5'" 1 
ATOM   62  C  "C5'" . DG  A 1 4 ? -6.076  -1.214  -2.759  1.00 3.56  ? 4  DG  A "C5'" 1 
ATOM   63  C  "C4'" . DG  A 1 4 ? -7.409  -1.074  -2.042  1.00 5.36  ? 4  DG  A "C4'" 1 
ATOM   64  O  "O4'" . DG  A 1 4 ? -7.481  -1.932  -0.962  1.00 6.41  ? 4  DG  A "O4'" 1 
ATOM   65  C  "C3'" . DG  A 1 4 ? -7.703  0.327   -1.533  1.00 4.79  ? 4  DG  A "C3'" 1 
ATOM   66  O  "O3'" . DG  A 1 4 ? -8.439  1.093   -2.489  1.00 6.80  ? 4  DG  A "O3'" 1 
ATOM   67  C  "C2'" . DG  A 1 4 ? -8.355  0.137   -0.195  1.00 4.48  ? 4  DG  A "C2'" 1 
ATOM   68  C  "C1'" . DG  A 1 4 ? -8.030  -1.258  0.207   1.00 4.74  ? 4  DG  A "C1'" 1 
ATOM   69  N  N9    . DG  A 1 4 ? -7.109  -1.424  1.339   1.00 3.48  ? 4  DG  A N9    1 
ATOM   70  C  C8    . DG  A 1 4 ? -7.314  -2.170  2.462   1.00 9.36  ? 4  DG  A C8    1 
ATOM   71  N  N7    . DG  A 1 4 ? -6.314  -2.190  3.285   1.00 5.61  ? 4  DG  A N7    1 
ATOM   72  C  C5    . DG  A 1 4 ? -5.345  -1.396  2.653   1.00 4.76  ? 4  DG  A C5    1 
ATOM   73  C  C6    . DG  A 1 4 ? -4.029  -1.040  3.052   1.00 2.89  ? 4  DG  A C6    1 
ATOM   74  O  O6    . DG  A 1 4 ? -3.434  -1.377  4.090   1.00 8.04  ? 4  DG  A O6    1 
ATOM   75  N  N1    . DG  A 1 4 ? -3.353  -0.245  2.165   1.00 2.57  ? 4  DG  A N1    1 
ATOM   76  C  C2    . DG  A 1 4 ? -3.921  0.156   0.976   1.00 5.18  ? 4  DG  A C2    1 
ATOM   77  N  N2    . DG  A 1 4 ? -3.130  0.908   0.210   1.00 2.00  ? 4  DG  A N2    1 
ATOM   78  N  N3    . DG  A 1 4 ? -5.159  -0.152  0.559   1.00 5.00  ? 4  DG  A N3    1 
ATOM   79  C  C4    . DG  A 1 4 ? -5.814  -0.926  1.451   1.00 5.49  ? 4  DG  A C4    1 
HETATM 80  BR BR    . CBR A 1 5 ? -8.503  1.403   3.461   1.00 13.18 ? 5  CBR A BR    1 
HETATM 81  P  P     . CBR A 1 5 ? -7.843  2.450   -3.095  1.00 12.62 ? 5  CBR A P     1 
HETATM 82  O  OP1   . CBR A 1 5 ? -8.946  2.883   -4.037  1.00 14.16 ? 5  CBR A OP1   1 
HETATM 83  O  OP2   . CBR A 1 5 ? -6.560  2.344   -3.829  1.00 9.77  ? 5  CBR A OP2   1 
HETATM 84  O  "O5'" . CBR A 1 5 ? -7.712  3.397   -1.812  1.00 6.00  ? 5  CBR A "O5'" 1 
HETATM 85  N  N1    . CBR A 1 5 ? -5.612  3.741   1.832   1.00 4.09  ? 5  CBR A N1    1 
HETATM 86  C  C6    . CBR A 1 5 ? -6.787  3.084   2.065   1.00 3.55  ? 5  CBR A C6    1 
HETATM 87  C  C2    . CBR A 1 5 ? -4.520  3.540   2.674   1.00 3.53  ? 5  CBR A C2    1 
HETATM 88  O  O2    . CBR A 1 5 ? -3.454  4.141   2.462   1.00 6.06  ? 5  CBR A O2    1 
HETATM 89  N  N3    . CBR A 1 5 ? -4.678  2.673   3.697   1.00 4.43  ? 5  CBR A N3    1 
HETATM 90  C  C4    . CBR A 1 5 ? -5.839  2.019   3.949   1.00 4.73  ? 5  CBR A C4    1 
HETATM 91  N  N4    . CBR A 1 5 ? -5.916  1.199   5.000   1.00 5.28  ? 5  CBR A N4    1 
HETATM 92  C  C5    . CBR A 1 5 ? -6.953  2.228   3.090   1.00 6.21  ? 5  CBR A C5    1 
HETATM 93  C  "C2'" . CBR A 1 5 ? -4.763  4.014   -0.473  1.00 5.50  ? 5  CBR A "C2'" 1 
HETATM 94  C  "C5'" . CBR A 1 5 ? -7.747  4.838   -1.971  1.00 2.91  ? 5  CBR A "C5'" 1 
HETATM 95  C  "C4'" . CBR A 1 5 ? -6.603  5.384   -1.179  1.00 3.70  ? 5  CBR A "C4'" 1 
HETATM 96  O  "O4'" . CBR A 1 5 ? -6.711  5.116   0.196   1.00 5.76  ? 5  CBR A "O4'" 1 
HETATM 97  C  "C1'" . CBR A 1 5 ? -5.437  4.678   0.715   1.00 4.82  ? 5  CBR A "C1'" 1 
HETATM 98  C  "C3'" . CBR A 1 5 ? -5.201  4.971   -1.605  1.00 10.52 ? 5  CBR A "C3'" 1 
HETATM 99  O  "O3'" . CBR A 1 5 ? -4.340  6.132   -1.630  1.00 5.21  ? 5  CBR A "O3'" 1 
ATOM   100 P  P     . DG  A 1 6 ? -3.995  6.850   -3.014  1.00 10.95 ? 6  DG  A P     1 
ATOM   101 O  OP1   . DG  A 1 6 ? -3.831  5.791   -4.032  1.00 14.16 ? 6  DG  A OP1   1 
ATOM   102 O  OP2   . DG  A 1 6 ? -2.759  7.663   -2.804  1.00 18.82 ? 6  DG  A OP2   1 
ATOM   103 O  "O5'" . DG  A 1 6 ? -5.286  7.728   -3.355  1.00 7.37  ? 6  DG  A "O5'" 1 
ATOM   104 C  "C5'" . DG  A 1 6 ? -5.452  9.031   -2.809  1.00 3.06  ? 6  DG  A "C5'" 1 
ATOM   105 C  "C4'" . DG  A 1 6 ? -6.785  9.507   -3.406  1.00 7.49  ? 6  DG  A "C4'" 1 
ATOM   106 O  "O4'" . DG  A 1 6 ? -7.777  8.597   -2.997  1.00 7.27  ? 6  DG  A "O4'" 1 
ATOM   107 C  "C3'" . DG  A 1 6 ? -7.194  10.886  -2.890  1.00 10.75 ? 6  DG  A "C3'" 1 
ATOM   108 O  "O3'" . DG  A 1 6 ? -7.921  11.618  -3.880  1.00 8.06  ? 6  DG  A "O3'" 1 
ATOM   109 C  "C2'" . DG  A 1 6 ? -7.999  10.535  -1.637  1.00 6.39  ? 6  DG  A "C2'" 1 
ATOM   110 C  "C1'" . DG  A 1 6 ? -8.664  9.258   -2.099  1.00 5.72  ? 6  DG  A "C1'" 1 
ATOM   111 N  N9    . DG  A 1 6 ? -9.094  8.372   -1.034  1.00 6.14  ? 6  DG  A N9    1 
ATOM   112 C  C8    . DG  A 1 6 ? -10.284 7.693   -0.951  1.00 3.02  ? 6  DG  A C8    1 
ATOM   113 N  N7    . DG  A 1 6 ? -10.387 6.931   0.093   1.00 6.15  ? 6  DG  A N7    1 
ATOM   114 C  C5    . DG  A 1 6 ? -9.185  7.124   0.778   1.00 6.56  ? 6  DG  A C5    1 
ATOM   115 C  C6    . DG  A 1 6 ? -8.714  6.595   2.009   1.00 7.95  ? 6  DG  A C6    1 
ATOM   116 O  O6    . DG  A 1 6 ? -9.299  5.807   2.758   1.00 6.95  ? 6  DG  A O6    1 
ATOM   117 N  N1    . DG  A 1 6 ? -7.451  7.023   2.376   1.00 6.56  ? 6  DG  A N1    1 
ATOM   118 C  C2    . DG  A 1 6 ? -6.738  7.882   1.598   1.00 3.68  ? 6  DG  A C2    1 
ATOM   119 N  N2    . DG  A 1 6 ? -5.520  8.178   2.075   1.00 3.01  ? 6  DG  A N2    1 
ATOM   120 N  N3    . DG  A 1 6 ? -7.143  8.431   0.432   1.00 4.07  ? 6  DG  A N3    1 
ATOM   121 C  C4    . DG  A 1 6 ? -8.374  7.999   0.093   1.00 5.50  ? 6  DG  A C4    1 
ATOM   122 O  "O5'" . DC  B 1 1 ? -2.702  4.969   10.072  1.00 11.00 ? 7  DC  B "O5'" 1 
ATOM   123 C  "C5'" . DC  B 1 1 ? -1.404  4.702   9.457   1.00 6.05  ? 7  DC  B "C5'" 1 
ATOM   124 C  "C4'" . DC  B 1 1 ? -1.397  5.349   8.101   1.00 4.45  ? 7  DC  B "C4'" 1 
ATOM   125 O  "O4'" . DC  B 1 1 ? -2.319  4.801   7.197   1.00 5.53  ? 7  DC  B "O4'" 1 
ATOM   126 C  "C3'" . DC  B 1 1 ? -1.578  6.861   8.073   1.00 2.37  ? 7  DC  B "C3'" 1 
ATOM   127 O  "O3'" . DC  B 1 1 ? -0.634  7.467   7.189   1.00 6.04  ? 7  DC  B "O3'" 1 
ATOM   128 C  "C2'" . DC  B 1 1 ? -2.989  6.991   7.499   1.00 5.36  ? 7  DC  B "C2'" 1 
ATOM   129 C  "C1'" . DC  B 1 1 ? -2.984  5.855   6.453   1.00 4.71  ? 7  DC  B "C1'" 1 
ATOM   130 N  N1    . DC  B 1 1 ? -4.374  5.466   6.154   1.00 3.08  ? 7  DC  B N1    1 
ATOM   131 C  C2    . DC  B 1 1 ? -4.986  6.064   5.053   1.00 2.77  ? 7  DC  B C2    1 
ATOM   132 O  O2    . DC  B 1 1 ? -4.390  6.860   4.341   1.00 8.13  ? 7  DC  B O2    1 
ATOM   133 N  N3    . DC  B 1 1 ? -6.260  5.698   4.776   1.00 5.19  ? 7  DC  B N3    1 
ATOM   134 C  C4    . DC  B 1 1 ? -6.963  4.825   5.527   1.00 4.76  ? 7  DC  B C4    1 
ATOM   135 N  N4    . DC  B 1 1 ? -8.221  4.544   5.221   1.00 6.83  ? 7  DC  B N4    1 
ATOM   136 C  C5    . DC  B 1 1 ? -6.340  4.244   6.670   1.00 2.26  ? 7  DC  B C5    1 
ATOM   137 C  C6    . DC  B 1 1 ? -5.072  4.591   6.936   1.00 2.52  ? 7  DC  B C6    1 
ATOM   138 P  P     . DG  B 1 2 ? 0.774   8.037   7.625   1.00 9.62  ? 8  DG  B P     1 
ATOM   139 O  OP1   . DG  B 1 2 ? 0.654   8.791   8.895   1.00 8.48  ? 8  DG  B OP1   1 
ATOM   140 O  OP2   . DG  B 1 2 ? 1.228   8.770   6.432   1.00 15.16 ? 8  DG  B OP2   1 
ATOM   141 O  "O5'" . DG  B 1 2 ? 1.675   6.711   7.893   1.00 5.09  ? 8  DG  B "O5'" 1 
ATOM   142 C  "C5'" . DG  B 1 2 ? 2.046   5.922   6.750   1.00 2.66  ? 8  DG  B "C5'" 1 
ATOM   143 C  "C4'" . DG  B 1 2 ? 2.839   4.757   7.297   1.00 3.29  ? 8  DG  B "C4'" 1 
ATOM   144 O  "O4'" . DG  B 1 2 ? 2.046   4.071   8.232   1.00 4.90  ? 8  DG  B "O4'" 1 
ATOM   145 C  "C3'" . DG  B 1 2 ? 3.319   3.753   6.275   1.00 2.73  ? 8  DG  B "C3'" 1 
ATOM   146 O  "O3'" . DG  B 1 2 ? 4.713   3.816   6.001   1.00 9.76  ? 8  DG  B "O3'" 1 
ATOM   147 C  "C2'" . DG  B 1 2 ? 2.898   2.402   6.771   1.00 4.82  ? 8  DG  B "C2'" 1 
ATOM   148 C  "C1'" . DG  B 1 2 ? 2.121   2.647   8.043   1.00 5.00  ? 8  DG  B "C1'" 1 
ATOM   149 N  N9    . DG  B 1 2 ? 0.768   2.067   7.963   1.00 3.46  ? 8  DG  B N9    1 
ATOM   150 C  C8    . DG  B 1 2 ? 0.129   1.279   8.872   1.00 13.72 ? 8  DG  B C8    1 
ATOM   151 N  N7    . DG  B 1 2 ? -1.086  0.944   8.522   1.00 7.53  ? 8  DG  B N7    1 
ATOM   152 C  C5    . DG  B 1 2 ? -1.278  1.587   7.308   1.00 5.61  ? 8  DG  B C5    1 
ATOM   153 C  C6    . DG  B 1 2 ? -2.400  1.632   6.436   1.00 5.09  ? 8  DG  B C6    1 
ATOM   154 O  O6    . DG  B 1 2 ? -3.482  1.059   6.644   1.00 7.55  ? 8  DG  B O6    1 
ATOM   155 N  N1    . DG  B 1 2 ? -2.243  2.394   5.305   1.00 7.03  ? 8  DG  B N1    1 
ATOM   156 C  C2    . DG  B 1 2 ? -1.060  3.046   5.058   1.00 4.27  ? 8  DG  B C2    1 
ATOM   157 N  N2    . DG  B 1 2 ? -1.006  3.762   3.929   1.00 2.71  ? 8  DG  B N2    1 
ATOM   158 N  N3    . DG  B 1 2 ? 0.025   3.056   5.853   1.00 4.16  ? 8  DG  B N3    1 
ATOM   159 C  C4    . DG  B 1 2 ? -0.157  2.307   6.957   1.00 4.13  ? 8  DG  B C4    1 
ATOM   160 P  P     . DC  B 1 3 ? 5.365   4.286   4.646   1.00 16.07 ? 9  DC  B P     1 
ATOM   161 O  OP1   . DC  B 1 3 ? 6.860   4.171   4.648   1.00 13.57 ? 9  DC  B OP1   1 
ATOM   162 O  OP2   . DC  B 1 3 ? 4.967   5.737   4.542   1.00 16.16 ? 9  DC  B OP2   1 
ATOM   163 O  "O5'" . DC  B 1 3 ? 4.696   3.443   3.493   1.00 6.82  ? 9  DC  B "O5'" 1 
ATOM   164 C  "C5'" . DC  B 1 3 ? 5.348   3.236   2.230   1.00 9.02  ? 9  DC  B "C5'" 1 
ATOM   165 C  "C4'" . DC  B 1 3 ? 4.289   3.229   1.145   1.00 2.64  ? 9  DC  B "C4'" 1 
ATOM   166 O  "O4'" . DC  B 1 3 ? 3.495   2.074   1.288   1.00 6.47  ? 9  DC  B "O4'" 1 
ATOM   167 C  "C3'" . DC  B 1 3 ? 3.342   4.410   1.117   1.00 4.34  ? 9  DC  B "C3'" 1 
ATOM   168 O  "O3'" . DC  B 1 3 ? 2.987   4.776   -0.221  1.00 7.29  ? 9  DC  B "O3'" 1 
ATOM   169 C  "C2'" . DC  B 1 3 ? 2.098   3.883   1.852   1.00 2.88  ? 9  DC  B "C2'" 1 
ATOM   170 C  "C1'" . DC  B 1 3 ? 2.096   2.431   1.358   1.00 6.09  ? 9  DC  B "C1'" 1 
ATOM   171 N  N1    . DC  B 1 3 ? 1.370   1.540   2.284   1.00 2.00  ? 9  DC  B N1    1 
ATOM   172 C  C2    . DC  B 1 3 ? 0.067   1.190   1.953   1.00 2.34  ? 9  DC  B C2    1 
ATOM   173 O  O2    . DC  B 1 3 ? -0.466  1.659   0.946   1.00 4.99  ? 9  DC  B O2    1 
ATOM   174 N  N3    . DC  B 1 3 ? -0.590  0.349   2.790   1.00 3.72  ? 9  DC  B N3    1 
ATOM   175 C  C4    . DC  B 1 3 ? -0.030  -0.173  3.902   1.00 2.76  ? 9  DC  B C4    1 
ATOM   176 N  N4    . DC  B 1 3 ? -0.722  -0.988  4.701   1.00 5.23  ? 9  DC  B N4    1 
ATOM   177 C  C5    . DC  B 1 3 ? 1.320   0.168   4.233   1.00 3.57  ? 9  DC  B C5    1 
ATOM   178 C  C6    . DC  B 1 3 ? 1.964   0.996   3.386   1.00 2.00  ? 9  DC  B C6    1 
ATOM   179 P  P     . DG  B 1 4 ? 3.810   5.875   -1.074  1.00 6.84  ? 10 DG  B P     1 
ATOM   180 O  OP1   . DG  B 1 4 ? 4.026   7.096   -0.285  1.00 7.23  ? 10 DG  B OP1   1 
ATOM   181 O  OP2   . DG  B 1 4 ? 2.899   6.062   -2.219  1.00 11.62 ? 10 DG  B OP2   1 
ATOM   182 O  "O5'" . DG  B 1 4 ? 5.181   5.163   -1.439  1.00 3.58  ? 10 DG  B "O5'" 1 
ATOM   183 C  "C5'" . DG  B 1 4 ? 5.169   3.988   -2.280  1.00 4.03  ? 10 DG  B "C5'" 1 
ATOM   184 C  "C4'" . DG  B 1 4 ? 6.578   3.442   -2.324  1.00 4.18  ? 10 DG  B "C4'" 1 
ATOM   185 O  "O4'" . DG  B 1 4 ? 7.131   3.144   -1.092  1.00 7.67  ? 10 DG  B "O4'" 1 
ATOM   186 C  "C3'" . DG  B 1 4 ? 6.717   2.213   -3.217  1.00 2.00  ? 10 DG  B "C3'" 1 
ATOM   187 O  "O3'" . DG  B 1 4 ? 7.059   2.585   -4.547  1.00 12.07 ? 10 DG  B "O3'" 1 
ATOM   188 C  "C2'" . DG  B 1 4 ? 7.772   1.365   -2.543  1.00 4.70  ? 10 DG  B "C2'" 1 
ATOM   189 C  "C1'" . DG  B 1 4 ? 7.855   1.872   -1.149  1.00 5.30  ? 10 DG  B "C1'" 1 
ATOM   190 N  N9    . DG  B 1 4 ? 7.319   0.980   -0.123  1.00 5.67  ? 10 DG  B N9    1 
ATOM   191 C  C8    . DG  B 1 4 ? 7.939   0.610   1.040   1.00 8.66  ? 10 DG  B C8    1 
ATOM   192 N  N7    . DG  B 1 4 ? 7.213   -0.162  1.814   1.00 7.75  ? 10 DG  B N7    1 
ATOM   193 C  C5    . DG  B 1 4 ? 6.034   -0.315  1.104   1.00 5.56  ? 10 DG  B C5    1 
ATOM   194 C  C6    . DG  B 1 4 ? 4.834   -1.015  1.425   1.00 9.98  ? 10 DG  B C6    1 
ATOM   195 O  O6    . DG  B 1 4 ? 4.625   -1.666  2.467   1.00 6.94  ? 10 DG  B O6    1 
ATOM   196 N  N1    . DG  B 1 4 ? 3.835   -0.920  0.478   1.00 2.92  ? 10 DG  B N1    1 
ATOM   197 C  C2    . DG  B 1 4 ? 4.005   -0.196  -0.661  1.00 5.49  ? 10 DG  B C2    1 
ATOM   198 N  N2    . DG  B 1 4 ? 2.950   -0.166  -1.496  1.00 6.47  ? 10 DG  B N2    1 
ATOM   199 N  N3    . DG  B 1 4 ? 5.101   0.508   -1.008  1.00 4.40  ? 10 DG  B N3    1 
ATOM   200 C  C4    . DG  B 1 4 ? 6.069   0.399   -0.076  1.00 6.31  ? 10 DG  B C4    1 
HETATM 201 BR BR    . CBR B 1 5 ? 8.712   -2.100  -1.670  1.00 14.42 ? 11 CBR B BR    1 
HETATM 202 P  P     . CBR B 1 5 ? 6.273   2.150   -5.864  1.00 12.34 ? 11 CBR B P     1 
HETATM 203 O  OP1   . CBR B 1 5 ? 6.916   2.740   -7.077  1.00 15.38 ? 11 CBR B OP1   1 
HETATM 204 O  OP2   . CBR B 1 5 ? 4.871   2.569   -5.684  1.00 15.01 ? 11 CBR B OP2   1 
HETATM 205 O  "O5'" . CBR B 1 5 ? 6.463   0.550   -5.836  1.00 8.44  ? 11 CBR B "O5'" 1 
HETATM 206 N  N1    . CBR B 1 5 ? 5.193   -2.647  -3.568  1.00 2.73  ? 11 CBR B N1    1 
HETATM 207 C  C6    . CBR B 1 5 ? 6.450   -2.225  -3.235  1.00 4.19  ? 11 CBR B C6    1 
HETATM 208 C  C2    . CBR B 1 5 ? 4.435   -3.380  -2.666  1.00 4.46  ? 11 CBR B C2    1 
HETATM 209 O  O2    . CBR B 1 5 ? 3.295   -3.759  -2.971  1.00 5.04  ? 11 CBR B O2    1 
HETATM 210 N  N3    . CBR B 1 5 ? 4.999   -3.640  -1.460  1.00 3.61  ? 11 CBR B N3    1 
HETATM 211 C  C4    . CBR B 1 5 ? 6.236   -3.221  -1.101  1.00 2.00  ? 11 CBR B C4    1 
HETATM 212 N  N4    . CBR B 1 5 ? 6.718   -3.514  0.107   1.00 5.37  ? 11 CBR B N4    1 
HETATM 213 C  C5    . CBR B 1 5 ? 7.010   -2.493  -2.048  1.00 3.28  ? 11 CBR B C5    1 
HETATM 214 C  "C2'" . CBR B 1 5 ? 3.808   -1.090  -4.912  1.00 2.00  ? 11 CBR B "C2'" 1 
HETATM 215 C  "C5'" . CBR B 1 5 ? 6.289   -0.177  -7.083  1.00 7.34  ? 11 CBR B "C5'" 1 
HETATM 216 C  "C4'" . CBR B 1 5 ? 5.262   -1.239  -6.817  1.00 2.05  ? 11 CBR B "C4'" 1 
HETATM 217 O  "O4'" . CBR B 1 5 ? 5.658   -2.172  -5.857  1.00 7.50  ? 11 CBR B "O4'" 1 
HETATM 218 C  "C1'" . CBR B 1 5 ? 4.608   -2.385  -4.895  1.00 3.58  ? 11 CBR B "C1'" 1 
HETATM 219 C  "C3'" . CBR B 1 5 ? 3.868   -0.763  -6.409  1.00 4.98  ? 11 CBR B "C3'" 1 
HETATM 220 O  "O3'" . CBR B 1 5 ? 2.898   -1.531  -7.143  1.00 5.43  ? 11 CBR B "O3'" 1 
ATOM   221 P  P     . DG  B 1 6 ? 2.206   -0.887  -8.446  1.00 8.67  ? 12 DG  B P     1 
ATOM   222 O  OP1   . DG  B 1 6 ? 1.744   0.484   -8.169  1.00 10.64 ? 12 DG  B OP1   1 
ATOM   223 O  OP2   . DG  B 1 6 ? 1.111   -1.870  -8.685  1.00 15.47 ? 12 DG  B OP2   1 
ATOM   224 O  "O5'" . DG  B 1 6 ? 3.300   -0.931  -9.604  1.00 5.75  ? 12 DG  B "O5'" 1 
ATOM   225 C  "C5'" . DG  B 1 6 ? 3.704   -2.201  -10.160 1.00 2.00  ? 12 DG  B "C5'" 1 
ATOM   226 C  "C4'" . DG  B 1 6 ? 4.837   -1.871  -11.105 1.00 5.78  ? 12 DG  B "C4'" 1 
ATOM   227 O  "O4'" . DG  B 1 6 ? 6.008   -1.575  -10.352 1.00 7.86  ? 12 DG  B "O4'" 1 
ATOM   228 C  "C3'" . DG  B 1 6 ? 5.222   -3.023  -12.043 1.00 6.47  ? 12 DG  B "C3'" 1 
ATOM   229 O  "O3'" . DG  B 1 6 ? 5.797   -2.529  -13.265 1.00 12.70 ? 12 DG  B "O3'" 1 
ATOM   230 C  "C2'" . DG  B 1 6 ? 6.249   -3.770  -11.187 1.00 3.82  ? 12 DG  B "C2'" 1 
ATOM   231 C  "C1'" . DG  B 1 6 ? 7.017   -2.614  -10.610 1.00 2.87  ? 12 DG  B "C1'" 1 
ATOM   232 N  N9    . DG  B 1 6 ? 7.723   -2.908  -9.369  1.00 5.33  ? 12 DG  B N9    1 
ATOM   233 C  C8    . DG  B 1 6 ? 8.967   -2.407  -9.017  1.00 9.80  ? 12 DG  B C8    1 
ATOM   234 N  N7    . DG  B 1 6 ? 9.370   -2.773  -7.819  1.00 12.09 ? 12 DG  B N7    1 
ATOM   235 C  C5    . DG  B 1 6 ? 8.311   -3.550  -7.344  1.00 6.70  ? 12 DG  B C5    1 
ATOM   236 C  C6    . DG  B 1 6 ? 8.140   -4.220  -6.102  1.00 5.41  ? 12 DG  B C6    1 
ATOM   237 O  O6    . DG  B 1 6 ? 8.929   -4.234  -5.145  1.00 8.84  ? 12 DG  B O6    1 
ATOM   238 N  N1    . DG  B 1 6 ? 6.948   -4.906  -5.971  1.00 5.26  ? 12 DG  B N1    1 
ATOM   239 C  C2    . DG  B 1 6 ? 6.030   -4.908  -6.981  1.00 6.13  ? 12 DG  B C2    1 
ATOM   240 N  N2    . DG  B 1 6 ? 4.904   -5.587  -6.713  1.00 5.37  ? 12 DG  B N2    1 
ATOM   241 N  N3    . DG  B 1 6 ? 6.146   -4.290  -8.168  1.00 5.08  ? 12 DG  B N3    1 
ATOM   242 C  C4    . DG  B 1 6 ? 7.306   -3.639  -8.281  1.00 3.27  ? 12 DG  B C4    1 
HETATM 243 O  O     . HOH C 2 . ? 4.813   -12.967 -0.054  1.00 10.23 ? 13 HOH A O     1 
HETATM 244 O  O     . HOH C 2 . ? -8.557  6.961   -4.773  1.00 12.68 ? 15 HOH A O     1 
HETATM 245 O  O     . HOH C 2 . ? -3.825  1.389   -2.872  1.00 13.42 ? 18 HOH A O     1 
HETATM 246 O  O     . HOH C 2 . ? -11.140 4.024   -3.198  1.00 24.78 ? 19 HOH A O     1 
HETATM 247 O  O     . HOH C 2 . ? -0.549  -6.743  -3.193  1.00 17.15 ? 20 HOH A O     1 
HETATM 248 O  O     . HOH C 2 . ? 10.276  -5.809  -0.044  1.00 19.27 ? 21 HOH A O     1 
HETATM 249 O  O     . HOH C 2 . ? -3.297  9.338   0.163   1.00 16.29 ? 22 HOH A O     1 
HETATM 250 O  O     . HOH C 2 . ? -11.687 4.470   -0.301  1.00 32.49 ? 26 HOH A O     1 
HETATM 251 O  O     . HOH C 2 . ? 6.271   -10.213 3.102   1.00 13.30 ? 28 HOH A O     1 
HETATM 252 O  O     . HOH C 2 . ? -7.921  -0.043  7.153   1.00 28.86 ? 31 HOH A O     1 
HETATM 253 O  O     . HOH C 2 . ? -1.290  -14.767 -1.434  1.00 23.56 ? 33 HOH A O     1 
HETATM 254 O  O     . HOH C 2 . ? -6.092  4.792   -5.294  1.00 21.70 ? 35 HOH A O     1 
HETATM 255 O  O     . HOH C 2 . ? -13.721 7.156   0.354   1.00 34.33 ? 37 HOH A O     1 
HETATM 256 O  O     . HOH C 2 . ? 5.860   -7.876  4.433   1.00 23.52 ? 38 HOH A O     1 
HETATM 257 O  O     . HOH C 2 . ? 1.796   -4.919  5.966   1.00 26.65 ? 39 HOH A O     1 
HETATM 258 O  O     . HOH C 2 . ? -6.555  -6.903  -2.420  1.00 33.46 ? 41 HOH A O     1 
HETATM 259 O  O     . HOH C 2 . ? 3.704   -9.243  -5.732  1.00 23.77 ? 42 HOH A O     1 
HETATM 260 O  O     . HOH C 2 . ? -1.998  3.537   -3.218  1.00 22.68 ? 44 HOH A O     1 
HETATM 261 O  O     . HOH C 2 . ? 0.437   -2.307  -3.451  1.00 27.68 ? 46 HOH A O     1 
HETATM 262 O  O     . HOH C 2 . ? -6.257  0.696   -6.149  1.00 24.11 ? 47 HOH A O     1 
HETATM 263 O  O     . HOH C 2 . ? -2.869  -0.262  -4.527  1.00 25.75 ? 51 HOH A O     1 
HETATM 264 O  O     . HOH C 2 . ? 7.295   -6.940  2.111   1.00 22.57 ? 57 HOH A O     1 
HETATM 265 O  O     . HOH C 2 . ? 1.756   -7.760  -5.441  1.00 37.27 ? 58 HOH A O     1 
HETATM 266 O  O     . HOH C 2 . ? 5.880   -4.000  4.130   1.00 30.19 ? 59 HOH A O     1 
HETATM 267 O  O     . HOH C 2 . ? -7.481  -5.997  2.983   1.00 30.20 ? 68 HOH A O     1 
HETATM 268 O  O     . HOH C 2 . ? 2.345   -13.533 -3.740  1.00 38.16 ? 69 HOH A O     1 
HETATM 269 O  O     . HOH C 2 . ? -3.424  -9.579  -3.401  1.00 35.24 ? 70 HOH A O     1 
HETATM 270 O  O     . HOH C 2 . ? -3.024  -4.681  4.732   1.00 36.08 ? 71 HOH A O     1 
HETATM 271 O  O     . HOH C 2 . ? -11.062 0.986   -4.545  1.00 36.51 ? 73 HOH A O     1 
HETATM 272 O  O     . HOH D 2 . ? 2.615   1.781   -3.826  1.00 9.13  ? 14 HOH B O     1 
HETATM 273 O  O     . HOH D 2 . ? -0.007  8.378   11.129  1.00 11.01 ? 16 HOH B O     1 
HETATM 274 O  O     . HOH D 2 . ? 0.383   6.583   3.477   1.00 14.23 ? 17 HOH B O     1 
HETATM 275 O  O     . HOH D 2 . ? 4.933   -0.596  4.977   1.00 19.78 ? 23 HOH B O     1 
HETATM 276 O  O     . HOH D 2 . ? -4.822  1.921   9.156   1.00 21.22 ? 24 HOH B O     1 
HETATM 277 O  O     . HOH D 2 . ? 8.993   -3.880  1.953   1.00 18.84 ? 25 HOH B O     1 
HETATM 278 O  O     . HOH D 2 . ? -1.984  7.195   2.439   1.00 23.48 ? 27 HOH B O     1 
HETATM 279 O  O     . HOH D 2 . ? -2.429  7.087   11.829  1.00 20.09 ? 29 HOH B O     1 
HETATM 280 O  O     . HOH D 2 . ? 2.017   -5.024  -8.142  1.00 19.24 ? 30 HOH B O     1 
HETATM 281 O  O     . HOH D 2 . ? -0.528  1.210   -9.465  1.00 40.72 ? 32 HOH B O     1 
HETATM 282 O  O     . HOH D 2 . ? 11.395  -3.076  -4.731  1.00 30.49 ? 34 HOH B O     1 
HETATM 283 O  O     . HOH D 2 . ? 8.066   -1.898  3.720   1.00 28.34 ? 36 HOH B O     1 
HETATM 284 O  O     . HOH D 2 . ? 1.756   -5.665  -4.856  1.00 15.23 ? 40 HOH B O     1 
HETATM 285 O  O     . HOH D 2 . ? 4.475   8.207   3.668   1.00 17.28 ? 43 HOH B O     1 
HETATM 286 O  O     . HOH D 2 . ? -7.606  1.876   9.581   1.00 28.99 ? 45 HOH B O     1 
HETATM 287 O  O     . HOH D 2 . ? -0.774  4.091   -0.418  1.00 24.88 ? 48 HOH B O     1 
HETATM 288 O  O     . HOH D 2 . ? 3.093   2.759   -7.726  1.00 21.62 ? 49 HOH B O     1 
HETATM 289 O  O     . HOH D 2 . ? -0.199  1.218   -2.112  1.00 21.89 ? 50 HOH B O     1 
HETATM 290 O  O     . HOH D 2 . ? 0.784   -2.529  6.932   1.00 22.76 ? 52 HOH B O     1 
HETATM 291 O  O     . HOH D 2 . ? -1.494  10.803  8.629   1.00 29.31 ? 53 HOH B O     1 
HETATM 292 O  O     . HOH D 2 . ? 1.331   4.013   -3.118  1.00 22.94 ? 54 HOH B O     1 
HETATM 293 O  O     . HOH D 2 . ? 12.771  -4.681  -4.090  1.00 39.97 ? 55 HOH B O     1 
HETATM 294 O  O     . HOH D 2 . ? -0.876  2.820   -5.613  1.00 41.15 ? 56 HOH B O     1 
HETATM 295 O  O     . HOH D 2 . ? -3.990  -1.861  7.131   1.00 26.74 ? 60 HOH B O     1 
HETATM 296 O  O     . HOH D 2 . ? 0.337   0.940   -5.145  1.00 35.30 ? 61 HOH B O     1 
HETATM 297 O  O     . HOH D 2 . ? 1.276   8.645   0.398   1.00 33.73 ? 62 HOH B O     1 
HETATM 298 O  O     . HOH D 2 . ? -0.193  -2.290  -11.164 1.00 27.30 ? 63 HOH B O     1 
HETATM 299 O  O     . HOH D 2 . ? -0.344  10.327  4.540   1.00 26.48 ? 64 HOH B O     1 
HETATM 300 O  O     . HOH D 2 . ? 12.149  -3.448  -7.920  1.00 35.39 ? 65 HOH B O     1 
HETATM 301 O  O     . HOH D 2 . ? 6.224   7.927   5.949   1.00 36.32 ? 66 HOH B O     1 
HETATM 302 O  O     . HOH D 2 . ? -8.935  2.371   7.428   1.00 28.06 ? 67 HOH B O     1 
HETATM 303 O  O     . HOH D 2 . ? 3.667   9.079   5.388   1.00 36.50 ? 72 HOH B O     1 
# 
